data_2KZQ
#
_entry.id   2KZQ
#
_entity_poly.entity_id   1
_entity_poly.type   'polypeptide(L)'
_entity_poly.pdbx_seq_one_letter_code
;SDLPALSTGLLHLHQNIVDVQYMYGLSPAITKYVVR
;
_entity_poly.pdbx_strand_id   A
#
# COMPACT_ATOMS: atom_id res chain seq x y z
N SER A 1 -0.56 17.07 17.05
CA SER A 1 -0.75 18.05 15.93
C SER A 1 -1.41 17.37 14.73
N ASP A 2 -2.50 17.91 14.25
CA ASP A 2 -3.23 17.32 13.07
C ASP A 2 -3.73 15.91 13.38
N LEU A 3 -4.50 15.33 12.48
CA LEU A 3 -5.04 13.95 12.70
C LEU A 3 -5.76 13.86 14.06
N PRO A 4 -6.85 14.56 14.16
CA PRO A 4 -7.65 14.58 15.41
C PRO A 4 -8.53 13.31 15.51
N ALA A 5 -7.90 12.16 15.52
CA ALA A 5 -8.67 10.88 15.61
C ALA A 5 -7.78 9.79 16.24
N LEU A 6 -6.62 9.56 15.67
CA LEU A 6 -5.69 8.52 16.21
C LEU A 6 -6.35 7.13 16.25
N SER A 7 -7.32 6.89 15.41
CA SER A 7 -8.01 5.56 15.40
C SER A 7 -7.76 4.83 14.06
N THR A 8 -6.68 5.15 13.39
CA THR A 8 -6.37 4.49 12.08
C THR A 8 -4.87 4.22 11.97
N GLY A 9 -4.32 3.46 12.89
CA GLY A 9 -2.85 3.16 12.85
C GLY A 9 -2.60 1.97 11.93
N LEU A 10 -3.09 0.81 12.30
CA LEU A 10 -2.88 -0.41 11.46
C LEU A 10 -3.44 -0.20 10.05
N LEU A 11 -4.59 0.43 9.95
CA LEU A 11 -5.20 0.68 8.60
C LEU A 11 -4.22 1.48 7.73
N HIS A 12 -3.70 2.57 8.24
CA HIS A 12 -2.73 3.40 7.46
C HIS A 12 -1.49 2.57 7.11
N LEU A 13 -1.00 1.79 8.05
CA LEU A 13 0.20 0.94 7.78
C LEU A 13 -0.06 0.00 6.61
N HIS A 14 -1.23 -0.59 6.56
CA HIS A 14 -1.57 -1.51 5.44
C HIS A 14 -1.53 -0.76 4.10
N GLN A 15 -2.17 0.38 4.03
CA GLN A 15 -2.16 1.17 2.76
C GLN A 15 -0.72 1.56 2.37
N ASN A 16 0.09 1.87 3.35
CA ASN A 16 1.51 2.24 3.06
C ASN A 16 2.26 1.06 2.41
N ILE A 17 2.01 -0.13 2.87
CA ILE A 17 2.69 -1.33 2.28
C ILE A 17 2.01 -1.74 0.96
N VAL A 18 0.71 -1.76 0.95
CA VAL A 18 -0.04 -2.16 -0.30
C VAL A 18 0.16 -1.12 -1.41
N ASP A 19 0.60 0.08 -1.08
CA ASP A 19 0.81 1.12 -2.13
C ASP A 19 2.29 1.20 -2.53
N VAL A 20 3.17 0.49 -1.86
CA VAL A 20 4.63 0.53 -2.23
C VAL A 20 5.10 -0.85 -2.70
N GLN A 21 4.83 -1.87 -1.93
CA GLN A 21 5.26 -3.25 -2.33
C GLN A 21 4.55 -3.69 -3.63
N TYR A 22 3.38 -3.17 -3.91
CA TYR A 22 2.67 -3.55 -5.16
C TYR A 22 3.49 -3.12 -6.40
N MET A 23 4.24 -2.04 -6.29
CA MET A 23 5.06 -1.57 -7.44
C MET A 23 6.51 -2.03 -7.29
N TYR A 24 6.98 -2.22 -6.08
CA TYR A 24 8.40 -2.67 -5.86
C TYR A 24 8.45 -4.14 -5.40
N GLY A 25 7.47 -4.93 -5.76
CA GLY A 25 7.47 -6.36 -5.35
C GLY A 25 8.24 -7.20 -6.38
N LEU A 26 7.76 -7.24 -7.60
CA LEU A 26 8.43 -8.02 -8.68
C LEU A 26 8.71 -9.47 -8.23
N SER A 27 7.86 -10.02 -7.40
CA SER A 27 8.08 -11.44 -6.92
C SER A 27 8.11 -12.41 -8.12
N PRO A 28 7.06 -12.41 -8.91
CA PRO A 28 7.01 -13.32 -10.08
C PRO A 28 7.97 -12.85 -11.19
N ALA A 29 8.24 -11.56 -11.25
CA ALA A 29 9.17 -11.02 -12.28
C ALA A 29 10.58 -11.60 -12.11
N ILE A 30 11.14 -11.49 -10.92
CA ILE A 30 12.51 -12.04 -10.69
C ILE A 30 12.55 -13.55 -10.95
N THR A 31 11.50 -14.25 -10.62
CA THR A 31 11.45 -15.73 -10.85
C THR A 31 11.60 -16.05 -12.34
N LYS A 32 11.19 -15.15 -13.20
CA LYS A 32 11.32 -15.40 -14.67
C LYS A 32 12.46 -14.57 -15.27
N TYR A 33 13.23 -13.90 -14.44
CA TYR A 33 14.37 -13.08 -14.96
C TYR A 33 15.70 -13.84 -14.79
N VAL A 34 15.85 -14.52 -13.68
CA VAL A 34 17.12 -15.28 -13.44
C VAL A 34 17.18 -16.52 -14.36
N VAL A 35 16.04 -17.00 -14.82
CA VAL A 35 16.05 -18.20 -15.71
C VAL A 35 15.70 -17.82 -17.16
N ARG A 36 15.63 -16.54 -17.46
CA ARG A 36 15.30 -16.11 -18.86
C ARG A 36 15.64 -14.62 -19.05
N SER A 1 -18.89 -0.87 10.36
CA SER A 1 -17.67 -0.03 10.57
C SER A 1 -17.48 0.94 9.41
N ASP A 2 -17.34 2.20 9.70
CA ASP A 2 -17.16 3.22 8.61
C ASP A 2 -15.78 3.90 8.71
N LEU A 3 -14.98 3.54 9.69
CA LEU A 3 -13.62 4.15 9.85
C LEU A 3 -13.67 5.69 9.82
N PRO A 4 -14.25 6.25 10.86
CA PRO A 4 -14.39 7.72 10.97
C PRO A 4 -13.13 8.34 11.59
N ALA A 5 -11.96 8.04 11.05
CA ALA A 5 -10.68 8.59 11.59
C ALA A 5 -10.48 8.20 13.07
N LEU A 6 -11.16 7.16 13.53
CA LEU A 6 -11.00 6.73 14.95
C LEU A 6 -10.50 5.27 15.02
N SER A 7 -10.09 4.72 13.90
CA SER A 7 -9.58 3.31 13.89
C SER A 7 -8.73 3.06 12.64
N THR A 8 -7.74 3.90 12.41
CA THR A 8 -6.87 3.73 11.21
C THR A 8 -5.39 3.64 11.61
N GLY A 9 -5.10 3.28 12.84
CA GLY A 9 -3.67 3.17 13.28
C GLY A 9 -2.97 2.10 12.45
N LEU A 10 -3.52 0.91 12.43
CA LEU A 10 -2.90 -0.19 11.63
C LEU A 10 -3.34 -0.08 10.16
N LEU A 11 -4.52 0.42 9.91
CA LEU A 11 -5.01 0.58 8.50
C LEU A 11 -4.02 1.42 7.69
N HIS A 12 -3.61 2.55 8.23
CA HIS A 12 -2.63 3.42 7.49
C HIS A 12 -1.36 2.62 7.16
N LEU A 13 -0.87 1.85 8.11
CA LEU A 13 0.36 1.04 7.86
C LEU A 13 0.12 0.05 6.71
N HIS A 14 -1.04 -0.57 6.67
CA HIS A 14 -1.35 -1.54 5.57
C HIS A 14 -1.28 -0.81 4.21
N GLN A 15 -1.96 0.31 4.10
CA GLN A 15 -1.95 1.07 2.81
C GLN A 15 -0.50 1.46 2.45
N ASN A 16 0.30 1.77 3.44
CA ASN A 16 1.73 2.14 3.17
C ASN A 16 2.44 0.99 2.44
N ILE A 17 2.11 -0.23 2.77
CA ILE A 17 2.77 -1.39 2.10
C ILE A 17 1.98 -1.77 0.83
N VAL A 18 0.68 -1.57 0.84
CA VAL A 18 -0.13 -1.91 -0.37
C VAL A 18 0.19 -0.96 -1.52
N ASP A 19 0.43 0.30 -1.22
CA ASP A 19 0.76 1.28 -2.30
C ASP A 19 2.25 1.22 -2.68
N VAL A 20 3.01 0.31 -2.13
CA VAL A 20 4.46 0.22 -2.49
C VAL A 20 4.76 -1.10 -3.23
N GLN A 21 3.85 -2.04 -3.19
CA GLN A 21 4.07 -3.34 -3.89
C GLN A 21 3.29 -3.37 -5.22
N TYR A 22 2.14 -2.74 -5.27
CA TYR A 22 1.34 -2.75 -6.53
C TYR A 22 2.10 -2.08 -7.69
N MET A 23 3.03 -1.21 -7.39
CA MET A 23 3.81 -0.53 -8.47
C MET A 23 5.06 -1.34 -8.82
N TYR A 24 5.69 -1.97 -7.86
CA TYR A 24 6.92 -2.76 -8.14
C TYR A 24 6.59 -4.21 -8.52
N GLY A 25 5.52 -4.76 -8.00
CA GLY A 25 5.19 -6.18 -8.32
C GLY A 25 3.76 -6.30 -8.89
N LEU A 26 3.23 -5.26 -9.49
CA LEU A 26 1.85 -5.35 -10.06
C LEU A 26 1.63 -4.25 -11.13
N SER A 27 2.65 -3.90 -11.86
CA SER A 27 2.51 -2.85 -12.92
C SER A 27 1.82 -3.41 -14.17
N PRO A 28 2.34 -4.51 -14.69
CA PRO A 28 1.73 -5.13 -15.90
C PRO A 28 0.44 -5.89 -15.54
N ALA A 29 -0.53 -5.18 -15.02
CA ALA A 29 -1.83 -5.82 -14.63
C ALA A 29 -2.89 -4.74 -14.36
N ILE A 30 -2.57 -3.78 -13.53
CA ILE A 30 -3.55 -2.69 -13.23
C ILE A 30 -3.76 -1.81 -14.47
N THR A 31 -2.79 -1.76 -15.35
CA THR A 31 -2.92 -0.93 -16.58
C THR A 31 -4.03 -1.50 -17.48
N LYS A 32 -4.11 -2.80 -17.61
CA LYS A 32 -5.17 -3.42 -18.47
C LYS A 32 -6.56 -3.26 -17.82
N TYR A 33 -6.61 -2.85 -16.58
CA TYR A 33 -7.92 -2.68 -15.89
C TYR A 33 -8.68 -1.48 -16.48
N VAL A 34 -8.01 -0.38 -16.72
CA VAL A 34 -8.69 0.82 -17.29
C VAL A 34 -8.54 0.84 -18.82
N VAL A 35 -8.76 -0.28 -19.47
CA VAL A 35 -8.64 -0.35 -20.96
C VAL A 35 -9.77 -1.22 -21.53
N ARG A 36 -10.99 -0.93 -21.16
CA ARG A 36 -12.14 -1.75 -21.67
C ARG A 36 -13.19 -0.83 -22.32
N SER A 1 5.39 14.42 17.91
CA SER A 1 4.81 13.74 19.12
C SER A 1 3.45 14.35 19.45
N ASP A 2 2.52 14.30 18.52
CA ASP A 2 1.17 14.89 18.78
C ASP A 2 0.06 13.90 18.37
N LEU A 3 0.26 12.64 18.66
CA LEU A 3 -0.78 11.60 18.31
C LEU A 3 -1.20 11.72 16.84
N PRO A 4 -0.24 11.55 15.95
CA PRO A 4 -0.51 11.65 14.50
C PRO A 4 -1.00 10.30 13.94
N ALA A 5 -1.80 9.58 14.69
CA ALA A 5 -2.31 8.26 14.21
C ALA A 5 -3.53 7.83 15.02
N LEU A 6 -4.39 8.75 15.38
CA LEU A 6 -5.60 8.40 16.19
C LEU A 6 -6.53 7.47 15.38
N SER A 7 -6.55 7.59 14.07
CA SER A 7 -7.42 6.71 13.24
C SER A 7 -6.65 6.15 12.05
N THR A 8 -5.33 6.23 12.06
CA THR A 8 -4.52 5.70 10.93
C THR A 8 -3.32 4.92 11.46
N GLY A 9 -3.55 3.97 12.34
CA GLY A 9 -2.43 3.16 12.89
C GLY A 9 -2.26 1.92 12.03
N LEU A 10 -3.13 0.95 12.20
CA LEU A 10 -3.03 -0.30 11.38
C LEU A 10 -3.69 -0.07 10.02
N LEU A 11 -4.75 0.70 9.97
CA LEU A 11 -5.44 0.98 8.67
C LEU A 11 -4.46 1.64 7.70
N HIS A 12 -3.67 2.58 8.17
CA HIS A 12 -2.69 3.25 7.27
C HIS A 12 -1.49 2.34 7.02
N LEU A 13 -1.12 1.53 7.99
CA LEU A 13 0.05 0.60 7.81
C LEU A 13 -0.17 -0.30 6.58
N HIS A 14 -1.33 -0.90 6.48
CA HIS A 14 -1.62 -1.80 5.32
C HIS A 14 -1.54 -0.99 4.01
N GLN A 15 -2.24 0.11 3.93
CA GLN A 15 -2.20 0.95 2.69
C GLN A 15 -0.77 1.43 2.42
N ASN A 16 -0.04 1.75 3.46
CA ASN A 16 1.37 2.22 3.29
C ASN A 16 2.23 1.12 2.64
N ILE A 17 2.03 -0.12 3.03
CA ILE A 17 2.85 -1.23 2.44
C ILE A 17 2.26 -1.66 1.08
N VAL A 18 0.97 -1.75 0.98
CA VAL A 18 0.33 -2.16 -0.31
C VAL A 18 0.59 -1.10 -1.39
N ASP A 19 0.42 0.15 -1.06
CA ASP A 19 0.66 1.24 -2.05
C ASP A 19 2.14 1.32 -2.47
N VAL A 20 3.02 0.71 -1.73
CA VAL A 20 4.46 0.76 -2.12
C VAL A 20 4.88 -0.57 -2.76
N GLN A 21 4.37 -1.67 -2.26
CA GLN A 21 4.72 -3.01 -2.83
C GLN A 21 4.16 -3.15 -4.26
N TYR A 22 2.98 -2.62 -4.51
CA TYR A 22 2.39 -2.73 -5.89
C TYR A 22 3.27 -1.97 -6.91
N MET A 23 3.87 -0.87 -6.49
CA MET A 23 4.75 -0.09 -7.43
C MET A 23 6.22 -0.49 -7.24
N TYR A 24 6.48 -1.65 -6.69
CA TYR A 24 7.90 -2.09 -6.48
C TYR A 24 8.25 -3.25 -7.43
N GLY A 25 7.69 -3.26 -8.61
CA GLY A 25 7.98 -4.34 -9.59
C GLY A 25 8.57 -3.74 -10.87
N LEU A 26 7.77 -3.59 -11.89
CA LEU A 26 8.25 -3.01 -13.19
C LEU A 26 9.55 -3.68 -13.65
N SER A 27 9.63 -4.99 -13.53
CA SER A 27 10.87 -5.71 -13.96
C SER A 27 11.15 -5.46 -15.46
N PRO A 28 10.19 -5.78 -16.31
CA PRO A 28 10.37 -5.55 -17.76
C PRO A 28 10.10 -4.08 -18.12
N ALA A 29 10.78 -3.17 -17.46
CA ALA A 29 10.58 -1.71 -17.75
C ALA A 29 11.83 -0.92 -17.35
N ILE A 30 12.28 -1.06 -16.12
CA ILE A 30 13.49 -0.33 -15.66
C ILE A 30 14.77 -1.03 -16.15
N THR A 31 14.73 -2.33 -16.26
CA THR A 31 15.93 -3.09 -16.74
C THR A 31 16.31 -2.65 -18.16
N LYS A 32 15.34 -2.40 -19.00
CA LYS A 32 15.65 -1.96 -20.39
C LYS A 32 15.65 -0.42 -20.48
N TYR A 33 15.77 0.26 -19.37
CA TYR A 33 15.79 1.75 -19.38
C TYR A 33 17.16 2.27 -18.94
N VAL A 34 17.67 1.77 -17.84
CA VAL A 34 19.02 2.23 -17.37
C VAL A 34 20.13 1.41 -18.05
N VAL A 35 20.05 0.09 -17.94
CA VAL A 35 21.08 -0.79 -18.58
C VAL A 35 22.49 -0.41 -18.08
N ARG A 36 22.63 -0.14 -16.81
CA ARG A 36 23.97 0.23 -16.23
C ARG A 36 24.54 1.48 -16.90
N SER A 1 -18.22 10.73 15.50
CA SER A 1 -17.17 10.74 16.56
C SER A 1 -15.82 10.33 15.97
N ASP A 2 -14.93 11.28 15.80
CA ASP A 2 -13.58 10.95 15.22
C ASP A 2 -12.46 11.44 16.15
N LEU A 3 -12.65 11.34 17.44
CA LEU A 3 -11.58 11.79 18.38
C LEU A 3 -10.39 10.82 18.34
N PRO A 4 -10.66 9.55 18.53
CA PRO A 4 -9.59 8.52 18.49
C PRO A 4 -9.34 8.02 17.05
N ALA A 5 -9.82 8.74 16.06
CA ALA A 5 -9.62 8.32 14.62
C ALA A 5 -10.24 6.93 14.35
N LEU A 6 -11.12 6.47 15.20
CA LEU A 6 -11.78 5.13 15.00
C LEU A 6 -10.74 4.02 14.75
N SER A 7 -9.62 4.05 15.45
CA SER A 7 -8.56 3.00 15.27
C SER A 7 -8.11 2.90 13.80
N THR A 8 -7.32 3.83 13.35
CA THR A 8 -6.83 3.80 11.93
C THR A 8 -5.30 3.65 11.87
N GLY A 9 -4.68 3.22 12.94
CA GLY A 9 -3.18 3.06 12.94
C GLY A 9 -2.80 1.95 11.96
N LEU A 10 -3.18 0.73 12.25
CA LEU A 10 -2.84 -0.41 11.34
C LEU A 10 -3.43 -0.16 9.94
N LEU A 11 -4.58 0.46 9.86
CA LEU A 11 -5.20 0.75 8.53
C LEU A 11 -4.24 1.58 7.67
N HIS A 12 -3.66 2.62 8.25
CA HIS A 12 -2.69 3.46 7.47
C HIS A 12 -1.41 2.66 7.17
N LEU A 13 -0.92 1.93 8.13
CA LEU A 13 0.31 1.10 7.91
C LEU A 13 0.06 0.10 6.78
N HIS A 14 -1.13 -0.48 6.73
CA HIS A 14 -1.45 -1.46 5.66
C HIS A 14 -1.42 -0.76 4.29
N GLN A 15 -2.15 0.33 4.16
CA GLN A 15 -2.15 1.08 2.86
C GLN A 15 -0.73 1.44 2.44
N ASN A 16 0.11 1.80 3.38
CA ASN A 16 1.52 2.15 3.04
C ASN A 16 2.22 0.96 2.35
N ILE A 17 2.12 -0.21 2.92
CA ILE A 17 2.76 -1.41 2.28
C ILE A 17 2.00 -1.83 1.01
N VAL A 18 0.70 -1.64 1.00
CA VAL A 18 -0.11 -2.02 -0.21
C VAL A 18 0.07 -0.99 -1.34
N ASP A 19 0.68 0.13 -1.05
CA ASP A 19 0.89 1.17 -2.12
C ASP A 19 2.38 1.29 -2.48
N VAL A 20 3.17 0.28 -2.18
CA VAL A 20 4.62 0.34 -2.51
C VAL A 20 4.99 -0.81 -3.46
N GLN A 21 4.68 -2.02 -3.06
CA GLN A 21 4.98 -3.21 -3.92
C GLN A 21 3.89 -3.39 -4.99
N TYR A 22 2.75 -2.75 -4.81
CA TYR A 22 1.64 -2.89 -5.79
C TYR A 22 1.48 -1.60 -6.61
N MET A 23 1.47 -0.46 -5.94
CA MET A 23 1.31 0.83 -6.67
C MET A 23 2.54 1.12 -7.54
N TYR A 24 3.70 0.67 -7.13
CA TYR A 24 4.94 0.92 -7.94
C TYR A 24 5.15 -0.23 -8.94
N GLY A 25 4.10 -0.69 -9.57
CA GLY A 25 4.23 -1.80 -10.55
C GLY A 25 3.01 -1.79 -11.49
N LEU A 26 2.64 -0.64 -11.99
CA LEU A 26 1.46 -0.54 -12.90
C LEU A 26 1.91 -0.28 -14.35
N SER A 27 3.15 -0.53 -14.66
CA SER A 27 3.64 -0.30 -16.05
C SER A 27 2.80 -1.10 -17.06
N PRO A 28 2.67 -2.39 -16.82
CA PRO A 28 1.86 -3.25 -17.73
C PRO A 28 0.36 -2.96 -17.57
N ALA A 29 -0.04 -2.50 -16.40
CA ALA A 29 -1.48 -2.19 -16.17
C ALA A 29 -1.89 -0.94 -16.96
N ILE A 30 -1.00 0.01 -17.14
CA ILE A 30 -1.35 1.25 -17.90
C ILE A 30 -1.16 1.03 -19.41
N THR A 31 -0.53 -0.05 -19.81
CA THR A 31 -0.31 -0.31 -21.27
C THR A 31 -1.32 -1.36 -21.78
N LYS A 32 -1.62 -2.36 -20.99
CA LYS A 32 -2.60 -3.41 -21.44
C LYS A 32 -4.02 -3.03 -21.02
N TYR A 33 -4.36 -1.77 -21.10
CA TYR A 33 -5.73 -1.32 -20.72
C TYR A 33 -6.16 -0.11 -21.55
N VAL A 34 -5.30 0.89 -21.63
CA VAL A 34 -5.63 2.10 -22.43
C VAL A 34 -5.34 1.84 -23.91
N VAL A 35 -6.17 1.05 -24.55
CA VAL A 35 -5.98 0.74 -26.00
C VAL A 35 -7.29 0.99 -26.77
N ARG A 36 -7.97 2.05 -26.46
CA ARG A 36 -9.26 2.36 -27.17
C ARG A 36 -9.58 3.86 -27.10
N SER A 1 -9.95 15.44 14.16
CA SER A 1 -11.14 14.56 14.41
C SER A 1 -11.42 13.68 13.18
N ASP A 2 -11.52 12.40 13.38
CA ASP A 2 -11.79 11.47 12.23
C ASP A 2 -12.74 10.34 12.66
N LEU A 3 -13.13 9.49 11.75
CA LEU A 3 -14.07 8.37 12.09
C LEU A 3 -13.50 7.49 13.21
N PRO A 4 -12.29 6.99 13.02
CA PRO A 4 -11.65 6.13 14.04
C PRO A 4 -11.04 6.99 15.15
N ALA A 5 -10.02 6.49 15.82
CA ALA A 5 -9.37 7.28 16.91
C ALA A 5 -8.05 6.63 17.32
N LEU A 6 -8.09 5.54 18.05
CA LEU A 6 -6.83 4.86 18.49
C LEU A 6 -6.56 3.60 17.64
N SER A 7 -7.56 3.07 16.98
CA SER A 7 -7.36 1.84 16.15
C SER A 7 -7.21 2.23 14.68
N THR A 8 -6.38 3.20 14.38
CA THR A 8 -6.20 3.63 12.97
C THR A 8 -4.71 3.57 12.56
N GLY A 9 -3.87 3.00 13.38
CA GLY A 9 -2.42 2.90 13.03
C GLY A 9 -2.20 1.79 12.01
N LEU A 10 -2.64 0.60 12.33
CA LEU A 10 -2.48 -0.54 11.37
C LEU A 10 -3.32 -0.32 10.10
N LEU A 11 -4.45 0.34 10.23
CA LEU A 11 -5.31 0.60 9.03
C LEU A 11 -4.56 1.49 8.02
N HIS A 12 -3.92 2.53 8.50
CA HIS A 12 -3.15 3.43 7.58
C HIS A 12 -1.91 2.69 7.05
N LEU A 13 -1.27 1.89 7.88
CA LEU A 13 -0.06 1.15 7.44
C LEU A 13 -0.38 0.24 6.25
N HIS A 14 -1.52 -0.40 6.27
CA HIS A 14 -1.92 -1.31 5.14
C HIS A 14 -1.85 -0.54 3.82
N GLN A 15 -2.49 0.60 3.74
CA GLN A 15 -2.47 1.40 2.48
C GLN A 15 -1.03 1.84 2.14
N ASN A 16 -0.22 2.09 3.14
CA ASN A 16 1.19 2.51 2.89
C ASN A 16 2.02 1.34 2.35
N ILE A 17 1.94 0.20 2.98
CA ILE A 17 2.72 -0.99 2.51
C ILE A 17 2.15 -1.53 1.20
N VAL A 18 0.84 -1.58 1.07
CA VAL A 18 0.22 -2.09 -0.19
C VAL A 18 0.61 -1.21 -1.37
N ASP A 19 0.85 0.07 -1.14
CA ASP A 19 1.25 0.98 -2.25
C ASP A 19 2.72 0.78 -2.61
N VAL A 20 3.49 0.13 -1.78
CA VAL A 20 4.93 -0.10 -2.09
C VAL A 20 5.14 -1.55 -2.55
N GLN A 21 4.45 -2.47 -1.95
CA GLN A 21 4.59 -3.91 -2.35
C GLN A 21 4.05 -4.14 -3.77
N TYR A 22 2.99 -3.45 -4.14
CA TYR A 22 2.44 -3.63 -5.52
C TYR A 22 3.42 -3.07 -6.56
N MET A 23 4.10 -1.99 -6.25
CA MET A 23 5.08 -1.40 -7.20
C MET A 23 6.37 -2.20 -7.23
N TYR A 24 6.76 -2.78 -6.12
CA TYR A 24 8.02 -3.58 -6.08
C TYR A 24 7.80 -4.98 -6.69
N GLY A 25 6.62 -5.25 -7.21
CA GLY A 25 6.35 -6.58 -7.81
C GLY A 25 6.29 -7.66 -6.71
N LEU A 26 5.74 -7.32 -5.57
CA LEU A 26 5.66 -8.31 -4.45
C LEU A 26 4.20 -8.71 -4.17
N SER A 27 3.28 -8.35 -5.04
CA SER A 27 1.85 -8.73 -4.81
C SER A 27 1.70 -10.27 -4.83
N PRO A 28 2.18 -10.90 -5.88
CA PRO A 28 2.08 -12.38 -5.98
C PRO A 28 3.08 -13.05 -5.02
N ALA A 29 4.19 -12.42 -4.78
CA ALA A 29 5.21 -13.01 -3.85
C ALA A 29 4.65 -13.16 -2.43
N ILE A 30 3.67 -12.38 -2.06
CA ILE A 30 3.10 -12.50 -0.68
C ILE A 30 1.73 -13.19 -0.70
N THR A 31 0.98 -13.06 -1.77
CA THR A 31 -0.37 -13.71 -1.84
C THR A 31 -0.24 -15.17 -2.32
N LYS A 32 0.74 -15.46 -3.15
CA LYS A 32 0.90 -16.87 -3.64
C LYS A 32 1.80 -17.68 -2.70
N TYR A 33 2.12 -17.16 -1.55
CA TYR A 33 3.00 -17.91 -0.60
C TYR A 33 2.21 -18.29 0.66
N VAL A 34 1.35 -17.43 1.14
CA VAL A 34 0.56 -17.76 2.37
C VAL A 34 -0.75 -18.46 1.96
N VAL A 35 -1.83 -17.73 1.77
CA VAL A 35 -3.15 -18.35 1.37
C VAL A 35 -3.39 -19.69 2.08
N ARG A 36 -3.00 -19.79 3.33
CA ARG A 36 -3.19 -21.07 4.09
C ARG A 36 -3.76 -20.77 5.48
N SER A 1 -14.67 1.24 1.37
CA SER A 1 -15.05 2.13 2.51
C SER A 1 -14.44 1.63 3.82
N ASP A 2 -14.39 2.48 4.82
CA ASP A 2 -13.80 2.06 6.13
C ASP A 2 -14.54 2.75 7.29
N LEU A 3 -14.70 2.06 8.39
CA LEU A 3 -15.42 2.66 9.56
C LEU A 3 -14.88 2.05 10.87
N PRO A 4 -13.74 2.53 11.28
CA PRO A 4 -13.09 2.06 12.51
C PRO A 4 -13.54 2.90 13.71
N ALA A 5 -12.74 2.97 14.75
CA ALA A 5 -13.11 3.78 15.95
C ALA A 5 -11.86 4.08 16.78
N LEU A 6 -11.21 5.18 16.50
CA LEU A 6 -9.97 5.56 17.25
C LEU A 6 -8.87 4.49 17.08
N SER A 7 -8.82 3.87 15.92
CA SER A 7 -7.79 2.82 15.67
C SER A 7 -7.47 2.76 14.17
N THR A 8 -6.93 3.82 13.63
CA THR A 8 -6.59 3.84 12.17
C THR A 8 -5.08 3.76 11.94
N GLY A 9 -4.30 3.51 12.97
CA GLY A 9 -2.82 3.40 12.80
C GLY A 9 -2.49 2.20 11.93
N LEU A 10 -2.96 1.03 12.30
CA LEU A 10 -2.70 -0.19 11.49
C LEU A 10 -3.33 -0.05 10.09
N LEU A 11 -4.48 0.59 10.01
CA LEU A 11 -5.15 0.77 8.69
C LEU A 11 -4.21 1.50 7.73
N HIS A 12 -3.61 2.59 8.18
CA HIS A 12 -2.67 3.34 7.30
C HIS A 12 -1.45 2.47 6.97
N LEU A 13 -0.98 1.70 7.93
CA LEU A 13 0.19 0.80 7.69
C LEU A 13 -0.13 -0.18 6.56
N HIS A 14 -1.32 -0.73 6.54
CA HIS A 14 -1.70 -1.68 5.46
C HIS A 14 -1.66 -0.95 4.10
N GLN A 15 -2.33 0.17 4.01
CA GLN A 15 -2.32 0.95 2.73
C GLN A 15 -0.89 1.33 2.35
N ASN A 16 -0.06 1.63 3.33
CA ASN A 16 1.36 2.00 3.03
C ASN A 16 2.09 0.83 2.36
N ILE A 17 1.92 -0.37 2.87
CA ILE A 17 2.61 -1.55 2.25
C ILE A 17 1.92 -1.90 0.92
N VAL A 18 0.61 -1.79 0.87
CA VAL A 18 -0.13 -2.11 -0.40
C VAL A 18 0.06 -0.98 -1.43
N ASP A 19 0.72 0.08 -1.07
CA ASP A 19 0.95 1.21 -2.03
C ASP A 19 2.46 1.45 -2.23
N VAL A 20 3.31 0.62 -1.66
CA VAL A 20 4.79 0.83 -1.83
C VAL A 20 5.36 -0.16 -2.86
N GLN A 21 4.79 -1.33 -2.96
CA GLN A 21 5.30 -2.34 -3.94
C GLN A 21 4.46 -2.31 -5.23
N TYR A 22 3.56 -1.36 -5.35
CA TYR A 22 2.71 -1.28 -6.58
C TYR A 22 2.69 0.16 -7.08
N MET A 23 2.43 1.10 -6.21
CA MET A 23 2.43 2.54 -6.63
C MET A 23 3.86 3.02 -6.87
N TYR A 24 4.81 2.48 -6.13
CA TYR A 24 6.24 2.89 -6.33
C TYR A 24 6.89 2.07 -7.46
N GLY A 25 6.14 1.24 -8.15
CA GLY A 25 6.73 0.44 -9.26
C GLY A 25 6.74 1.27 -10.55
N LEU A 26 5.72 2.07 -10.76
CA LEU A 26 5.64 2.92 -12.00
C LEU A 26 5.73 2.07 -13.28
N SER A 27 5.19 0.87 -13.24
CA SER A 27 5.23 -0.01 -14.45
C SER A 27 3.90 0.06 -15.22
N PRO A 28 2.82 -0.39 -14.60
CA PRO A 28 1.48 -0.34 -15.28
C PRO A 28 1.02 1.10 -15.47
N ALA A 29 1.48 2.01 -14.65
CA ALA A 29 1.07 3.44 -14.79
C ALA A 29 1.60 4.01 -16.12
N ILE A 30 2.74 3.55 -16.58
CA ILE A 30 3.31 4.06 -17.87
C ILE A 30 3.01 3.07 -19.00
N THR A 31 3.14 1.79 -18.74
CA THR A 31 2.87 0.76 -19.78
C THR A 31 1.39 0.78 -20.19
N LYS A 32 0.50 0.99 -19.25
CA LYS A 32 -0.96 1.04 -19.59
C LYS A 32 -1.39 2.47 -19.95
N TYR A 33 -0.45 3.34 -20.22
CA TYR A 33 -0.80 4.75 -20.57
C TYR A 33 -0.56 4.97 -22.08
N VAL A 34 0.54 4.51 -22.60
CA VAL A 34 0.83 4.69 -24.05
C VAL A 34 0.14 3.59 -24.87
N VAL A 35 -1.18 3.60 -24.90
CA VAL A 35 -1.94 2.57 -25.66
C VAL A 35 -2.94 3.25 -26.60
N ARG A 36 -2.45 4.06 -27.51
CA ARG A 36 -3.36 4.76 -28.47
C ARG A 36 -2.96 4.44 -29.91
N SER A 1 -11.48 5.18 25.65
CA SER A 1 -11.21 6.57 25.14
C SER A 1 -9.71 6.74 24.87
N ASP A 2 -9.33 6.90 23.62
CA ASP A 2 -7.89 7.06 23.28
C ASP A 2 -7.71 8.23 22.29
N LEU A 3 -6.50 8.42 21.80
CA LEU A 3 -6.25 9.53 20.83
C LEU A 3 -7.11 9.39 19.56
N PRO A 4 -7.09 8.21 18.96
CA PRO A 4 -7.88 7.97 17.74
C PRO A 4 -9.30 7.49 18.10
N ALA A 5 -9.96 6.81 17.20
CA ALA A 5 -11.35 6.32 17.48
C ALA A 5 -11.46 4.82 17.17
N LEU A 6 -11.21 4.43 15.94
CA LEU A 6 -11.28 2.99 15.57
C LEU A 6 -9.88 2.45 15.24
N SER A 7 -8.89 2.86 15.99
CA SER A 7 -7.48 2.40 15.74
C SER A 7 -7.09 2.69 14.29
N THR A 8 -6.87 3.94 13.95
CA THR A 8 -6.48 4.29 12.55
C THR A 8 -4.96 4.18 12.36
N GLY A 9 -4.34 3.18 12.95
CA GLY A 9 -2.86 3.01 12.81
C GLY A 9 -2.59 1.86 11.86
N LEU A 10 -3.18 0.71 12.11
CA LEU A 10 -2.96 -0.47 11.23
C LEU A 10 -3.48 -0.18 9.81
N LEU A 11 -4.63 0.46 9.70
CA LEU A 11 -5.18 0.78 8.35
C LEU A 11 -4.19 1.67 7.59
N HIS A 12 -3.62 2.66 8.25
CA HIS A 12 -2.64 3.57 7.57
C HIS A 12 -1.39 2.77 7.19
N LEU A 13 -0.89 1.95 8.10
CA LEU A 13 0.32 1.13 7.79
C LEU A 13 -0.01 0.10 6.69
N HIS A 14 -1.22 -0.42 6.69
CA HIS A 14 -1.62 -1.41 5.65
C HIS A 14 -1.55 -0.78 4.26
N GLN A 15 -2.18 0.35 4.08
CA GLN A 15 -2.15 1.04 2.75
C GLN A 15 -0.71 1.41 2.38
N ASN A 16 0.09 1.78 3.35
CA ASN A 16 1.51 2.15 3.07
C ASN A 16 2.26 0.95 2.44
N ILE A 17 2.04 -0.23 2.97
CA ILE A 17 2.74 -1.44 2.41
C ILE A 17 1.98 -1.96 1.17
N VAL A 18 0.70 -1.72 1.08
CA VAL A 18 -0.08 -2.20 -0.10
C VAL A 18 0.02 -1.20 -1.26
N ASP A 19 0.60 -0.05 -1.03
CA ASP A 19 0.74 0.96 -2.12
C ASP A 19 2.23 1.31 -2.31
N VAL A 20 3.11 0.37 -2.08
CA VAL A 20 4.57 0.64 -2.24
C VAL A 20 5.20 -0.35 -3.23
N GLN A 21 4.87 -1.62 -3.12
CA GLN A 21 5.42 -2.63 -4.05
C GLN A 21 4.69 -2.59 -5.39
N TYR A 22 3.57 -1.89 -5.44
CA TYR A 22 2.79 -1.78 -6.70
C TYR A 22 3.00 -0.40 -7.32
N MET A 23 3.32 0.59 -6.53
CA MET A 23 3.56 1.96 -7.07
C MET A 23 4.98 2.07 -7.65
N TYR A 24 5.88 1.20 -7.25
CA TYR A 24 7.27 1.26 -7.79
C TYR A 24 7.55 0.04 -8.70
N GLY A 25 6.53 -0.59 -9.21
CA GLY A 25 6.74 -1.78 -10.10
C GLY A 25 7.06 -1.29 -11.53
N LEU A 26 6.39 -0.25 -11.97
CA LEU A 26 6.62 0.29 -13.35
C LEU A 26 6.36 -0.78 -14.43
N SER A 27 5.53 -1.75 -14.15
CA SER A 27 5.22 -2.80 -15.17
C SER A 27 4.39 -2.21 -16.32
N PRO A 28 3.27 -1.61 -15.99
CA PRO A 28 2.41 -0.98 -17.03
C PRO A 28 3.06 0.30 -17.58
N ALA A 29 3.99 0.87 -16.85
CA ALA A 29 4.68 2.11 -17.32
C ALA A 29 5.62 1.78 -18.50
N ILE A 30 6.28 0.64 -18.44
CA ILE A 30 7.21 0.26 -19.55
C ILE A 30 6.40 -0.20 -20.78
N THR A 31 5.33 -0.93 -20.56
CA THR A 31 4.50 -1.38 -21.73
C THR A 31 3.78 -0.20 -22.36
N LYS A 32 3.29 0.72 -21.56
CA LYS A 32 2.57 1.92 -22.13
C LYS A 32 3.57 2.87 -22.81
N TYR A 33 4.79 2.91 -22.34
CA TYR A 33 5.81 3.82 -22.96
C TYR A 33 6.48 3.13 -24.15
N VAL A 34 6.92 1.90 -23.98
CA VAL A 34 7.58 1.17 -25.10
C VAL A 34 6.53 0.61 -26.06
N VAL A 35 6.05 1.44 -26.96
CA VAL A 35 5.02 0.99 -27.94
C VAL A 35 5.04 1.91 -29.18
N ARG A 36 6.21 2.33 -29.58
CA ARG A 36 6.32 3.23 -30.77
C ARG A 36 6.72 2.42 -32.01
N SER A 1 -13.37 9.51 22.06
CA SER A 1 -12.65 8.56 22.97
C SER A 1 -12.10 7.38 22.18
N ASP A 2 -10.81 7.19 22.19
CA ASP A 2 -10.20 6.06 21.43
C ASP A 2 -9.27 5.24 22.33
N LEU A 3 -9.42 3.95 22.34
CA LEU A 3 -8.55 3.09 23.20
C LEU A 3 -7.41 2.46 22.38
N PRO A 4 -7.75 1.75 21.32
CA PRO A 4 -6.73 1.11 20.47
C PRO A 4 -6.29 2.06 19.35
N ALA A 5 -5.72 1.53 18.29
CA ALA A 5 -5.26 2.40 17.16
C ALA A 5 -5.26 1.59 15.85
N LEU A 6 -6.40 1.07 15.47
CA LEU A 6 -6.47 0.27 14.21
C LEU A 6 -7.08 1.10 13.07
N SER A 7 -8.00 1.99 13.36
CA SER A 7 -8.63 2.82 12.30
C SER A 7 -7.57 3.66 11.56
N THR A 8 -6.68 4.28 12.29
CA THR A 8 -5.63 5.12 11.63
C THR A 8 -4.22 4.62 11.97
N GLY A 9 -4.11 3.47 12.60
CA GLY A 9 -2.76 2.94 12.94
C GLY A 9 -2.47 1.75 12.02
N LEU A 10 -3.20 0.67 12.19
CA LEU A 10 -2.98 -0.53 11.32
C LEU A 10 -3.53 -0.26 9.92
N LEU A 11 -4.63 0.45 9.82
CA LEU A 11 -5.20 0.75 8.46
C LEU A 11 -4.24 1.63 7.67
N HIS A 12 -3.69 2.63 8.31
CA HIS A 12 -2.72 3.53 7.60
C HIS A 12 -1.48 2.74 7.18
N LEU A 13 -0.97 1.90 8.06
CA LEU A 13 0.23 1.08 7.71
C LEU A 13 -0.09 0.12 6.56
N HIS A 14 -1.26 -0.47 6.56
CA HIS A 14 -1.64 -1.41 5.46
C HIS A 14 -1.57 -0.68 4.11
N GLN A 15 -2.24 0.43 3.98
CA GLN A 15 -2.21 1.19 2.69
C GLN A 15 -0.75 1.51 2.31
N ASN A 16 0.06 1.87 3.27
CA ASN A 16 1.49 2.20 2.97
C ASN A 16 2.24 0.94 2.50
N ILE A 17 1.99 -0.19 3.12
CA ILE A 17 2.70 -1.46 2.71
C ILE A 17 2.08 -2.03 1.42
N VAL A 18 0.86 -1.68 1.10
CA VAL A 18 0.23 -2.20 -0.15
C VAL A 18 0.46 -1.23 -1.31
N ASP A 19 0.49 0.05 -1.04
CA ASP A 19 0.74 1.04 -2.13
C ASP A 19 2.24 1.27 -2.32
N VAL A 20 3.04 0.28 -2.04
CA VAL A 20 4.52 0.42 -2.21
C VAL A 20 4.98 -0.32 -3.48
N GLN A 21 4.27 -1.35 -3.86
CA GLN A 21 4.66 -2.12 -5.08
C GLN A 21 3.76 -1.73 -6.27
N TYR A 22 2.55 -1.31 -5.99
CA TYR A 22 1.62 -0.93 -7.11
C TYR A 22 1.57 0.60 -7.29
N MET A 23 1.84 1.35 -6.24
CA MET A 23 1.80 2.84 -6.35
C MET A 23 3.21 3.41 -6.56
N TYR A 24 4.18 2.60 -6.95
CA TYR A 24 5.56 3.12 -7.17
C TYR A 24 5.82 3.40 -8.67
N GLY A 25 4.78 3.43 -9.46
CA GLY A 25 4.95 3.68 -10.93
C GLY A 25 5.55 2.45 -11.61
N LEU A 26 5.25 1.28 -11.11
CA LEU A 26 5.80 0.03 -11.71
C LEU A 26 4.79 -1.13 -11.56
N SER A 27 3.53 -0.86 -11.82
CA SER A 27 2.50 -1.94 -11.69
C SER A 27 2.80 -3.10 -12.65
N PRO A 28 2.96 -2.80 -13.92
CA PRO A 28 3.27 -3.86 -14.92
C PRO A 28 4.77 -4.25 -14.83
N ALA A 29 5.21 -4.64 -13.66
CA ALA A 29 6.64 -5.03 -13.47
C ALA A 29 6.79 -5.83 -12.17
N ILE A 30 6.25 -5.31 -11.09
CA ILE A 30 6.35 -6.02 -9.77
C ILE A 30 5.24 -7.08 -9.66
N THR A 31 4.09 -6.80 -10.23
CA THR A 31 2.97 -7.79 -10.17
C THR A 31 3.38 -9.10 -10.87
N LYS A 32 4.01 -8.99 -12.01
CA LYS A 32 4.46 -10.22 -12.75
C LYS A 32 5.62 -10.90 -12.01
N TYR A 33 6.34 -10.16 -11.20
CA TYR A 33 7.49 -10.76 -10.44
C TYR A 33 6.96 -11.60 -9.27
N VAL A 34 5.80 -11.27 -8.74
CA VAL A 34 5.23 -12.05 -7.60
C VAL A 34 4.24 -13.11 -8.10
N VAL A 35 3.37 -12.75 -9.01
CA VAL A 35 2.36 -13.73 -9.55
C VAL A 35 1.56 -14.34 -8.38
N ARG A 36 0.71 -13.55 -7.77
CA ARG A 36 -0.11 -14.05 -6.64
C ARG A 36 -1.61 -13.92 -6.95
N SER A 1 -18.92 4.71 15.92
CA SER A 1 -18.34 5.59 14.86
C SER A 1 -17.68 4.74 13.76
N ASP A 2 -16.98 5.37 12.86
CA ASP A 2 -16.30 4.61 11.76
C ASP A 2 -14.85 4.32 12.14
N LEU A 3 -14.48 3.07 12.23
CA LEU A 3 -13.07 2.71 12.58
C LEU A 3 -12.08 3.29 11.55
N PRO A 4 -12.34 3.04 10.28
CA PRO A 4 -11.46 3.56 9.21
C PRO A 4 -11.72 5.07 8.99
N ALA A 5 -11.51 5.87 10.01
CA ALA A 5 -11.74 7.34 9.89
C ALA A 5 -11.04 8.07 11.04
N LEU A 6 -11.30 7.68 12.26
CA LEU A 6 -10.65 8.35 13.44
C LEU A 6 -9.51 7.49 14.00
N SER A 7 -9.48 6.22 13.69
CA SER A 7 -8.39 5.34 14.21
C SER A 7 -7.16 5.43 13.30
N THR A 8 -7.34 5.10 12.04
CA THR A 8 -6.22 5.15 11.04
C THR A 8 -4.86 4.71 11.66
N GLY A 9 -4.88 3.67 12.45
CA GLY A 9 -3.61 3.18 13.07
C GLY A 9 -3.02 2.07 12.20
N LEU A 10 -3.46 0.86 12.39
CA LEU A 10 -2.92 -0.28 11.57
C LEU A 10 -3.35 -0.11 10.10
N LEU A 11 -4.51 0.47 9.86
CA LEU A 11 -4.97 0.68 8.45
C LEU A 11 -3.95 1.51 7.68
N HIS A 12 -3.43 2.56 8.28
CA HIS A 12 -2.42 3.41 7.59
C HIS A 12 -1.20 2.56 7.20
N LEU A 13 -0.75 1.71 8.10
CA LEU A 13 0.42 0.83 7.80
C LEU A 13 0.08 -0.11 6.63
N HIS A 14 -1.13 -0.60 6.57
CA HIS A 14 -1.53 -1.51 5.45
C HIS A 14 -1.41 -0.77 4.11
N GLN A 15 -2.03 0.39 4.01
CA GLN A 15 -1.93 1.17 2.73
C GLN A 15 -0.48 1.51 2.41
N ASN A 16 0.32 1.78 3.41
CA ASN A 16 1.76 2.10 3.19
C ASN A 16 2.47 0.93 2.49
N ILE A 17 2.08 -0.28 2.78
CA ILE A 17 2.72 -1.46 2.13
C ILE A 17 1.92 -1.90 0.90
N VAL A 18 0.62 -1.81 0.96
CA VAL A 18 -0.22 -2.23 -0.22
C VAL A 18 -0.14 -1.18 -1.35
N ASP A 19 0.48 -0.05 -1.09
CA ASP A 19 0.59 0.99 -2.16
C ASP A 19 2.08 1.29 -2.47
N VAL A 20 3.00 0.52 -1.93
CA VAL A 20 4.44 0.78 -2.21
C VAL A 20 5.02 -0.27 -3.17
N GLN A 21 4.57 -1.49 -3.06
CA GLN A 21 5.07 -2.56 -3.97
C GLN A 21 4.11 -2.78 -5.15
N TYR A 22 3.05 -2.01 -5.20
CA TYR A 22 2.05 -2.17 -6.31
C TYR A 22 1.81 -0.81 -6.99
N MET A 23 1.60 0.22 -6.21
CA MET A 23 1.39 1.57 -6.80
C MET A 23 2.72 2.15 -7.30
N TYR A 24 3.82 1.73 -6.72
CA TYR A 24 5.16 2.26 -7.15
C TYR A 24 5.80 1.31 -8.18
N GLY A 25 5.01 0.79 -9.09
CA GLY A 25 5.57 -0.14 -10.13
C GLY A 25 6.31 0.67 -11.20
N LEU A 26 5.79 1.81 -11.58
CA LEU A 26 6.48 2.65 -12.61
C LEU A 26 7.38 3.68 -11.93
N SER A 27 8.19 3.24 -11.00
CA SER A 27 9.11 4.19 -10.28
C SER A 27 9.95 5.00 -11.28
N PRO A 28 10.67 4.32 -12.16
CA PRO A 28 11.49 5.03 -13.17
C PRO A 28 10.60 5.54 -14.31
N ALA A 29 9.64 6.38 -13.99
CA ALA A 29 8.72 6.94 -15.02
C ALA A 29 7.91 8.10 -14.44
N ILE A 30 7.30 7.89 -13.30
CA ILE A 30 6.49 8.98 -12.67
C ILE A 30 7.41 10.00 -11.98
N THR A 31 8.50 9.53 -11.43
CA THR A 31 9.46 10.46 -10.74
C THR A 31 10.01 11.50 -11.72
N LYS A 32 10.29 11.10 -12.94
CA LYS A 32 10.82 12.07 -13.95
C LYS A 32 9.65 12.68 -14.76
N TYR A 33 8.45 12.61 -14.25
CA TYR A 33 7.27 13.18 -14.97
C TYR A 33 6.67 14.34 -14.17
N VAL A 34 6.47 14.16 -12.89
CA VAL A 34 5.89 15.26 -12.06
C VAL A 34 6.99 16.26 -11.67
N VAL A 35 6.89 17.47 -12.14
CA VAL A 35 7.93 18.50 -11.81
C VAL A 35 7.27 19.79 -11.29
N ARG A 36 6.12 19.66 -10.67
CA ARG A 36 5.41 20.87 -10.12
C ARG A 36 5.10 20.68 -8.64
N SER A 1 -15.37 9.04 22.77
CA SER A 1 -13.99 9.44 22.37
C SER A 1 -12.97 8.42 22.88
N ASP A 2 -12.52 7.52 22.04
CA ASP A 2 -11.54 6.50 22.49
C ASP A 2 -10.33 6.47 21.54
N LEU A 3 -9.13 6.42 22.10
CA LEU A 3 -7.89 6.40 21.26
C LEU A 3 -7.89 7.55 20.24
N PRO A 4 -8.03 8.76 20.74
CA PRO A 4 -8.04 9.96 19.87
C PRO A 4 -6.60 10.36 19.49
N ALA A 5 -5.88 9.48 18.84
CA ALA A 5 -4.48 9.79 18.43
C ALA A 5 -3.95 8.72 17.46
N LEU A 6 -4.00 7.46 17.88
CA LEU A 6 -3.50 6.37 16.99
C LEU A 6 -4.67 5.60 16.36
N SER A 7 -5.70 6.29 15.95
CA SER A 7 -6.87 5.61 15.32
C SER A 7 -6.56 5.21 13.87
N THR A 8 -5.59 5.82 13.26
CA THR A 8 -5.22 5.47 11.85
C THR A 8 -3.81 4.87 11.80
N GLY A 9 -3.59 3.80 12.53
CA GLY A 9 -2.24 3.16 12.53
C GLY A 9 -2.28 1.88 11.70
N LEU A 10 -3.07 0.91 12.10
CA LEU A 10 -3.16 -0.36 11.33
C LEU A 10 -3.70 -0.11 9.91
N LEU A 11 -4.76 0.65 9.79
CA LEU A 11 -5.33 0.94 8.44
C LEU A 11 -4.27 1.61 7.55
N HIS A 12 -3.66 2.67 8.03
CA HIS A 12 -2.61 3.38 7.23
C HIS A 12 -1.43 2.44 6.96
N LEU A 13 -1.04 1.66 7.95
CA LEU A 13 0.10 0.70 7.76
C LEU A 13 -0.19 -0.24 6.58
N HIS A 14 -1.40 -0.73 6.47
CA HIS A 14 -1.76 -1.64 5.35
C HIS A 14 -1.57 -0.93 4.00
N GLN A 15 -2.10 0.27 3.88
CA GLN A 15 -1.94 1.05 2.62
C GLN A 15 -0.47 1.43 2.43
N ASN A 16 0.22 1.74 3.51
CA ASN A 16 1.65 2.13 3.41
C ASN A 16 2.51 0.95 2.88
N ILE A 17 1.99 -0.25 2.94
CA ILE A 17 2.77 -1.43 2.44
C ILE A 17 2.21 -1.89 1.09
N VAL A 18 0.91 -2.02 0.99
CA VAL A 18 0.28 -2.46 -0.30
C VAL A 18 0.38 -1.37 -1.37
N ASP A 19 0.25 -0.13 -0.98
CA ASP A 19 0.33 0.98 -1.99
C ASP A 19 1.78 1.43 -2.22
N VAL A 20 2.73 0.85 -1.53
CA VAL A 20 4.15 1.26 -1.74
C VAL A 20 4.94 0.09 -2.36
N GLN A 21 4.86 -1.07 -1.75
CA GLN A 21 5.60 -2.26 -2.30
C GLN A 21 5.16 -2.55 -3.75
N TYR A 22 3.92 -2.32 -4.08
CA TYR A 22 3.45 -2.57 -5.49
C TYR A 22 4.23 -1.70 -6.48
N MET A 23 4.63 -0.52 -6.07
CA MET A 23 5.40 0.39 -6.99
C MET A 23 6.87 0.49 -6.56
N TYR A 24 7.31 -0.35 -5.66
CA TYR A 24 8.73 -0.30 -5.20
C TYR A 24 9.42 -1.65 -5.42
N GLY A 25 9.05 -2.35 -6.48
CA GLY A 25 9.67 -3.67 -6.77
C GLY A 25 10.95 -3.46 -7.59
N LEU A 26 10.81 -3.03 -8.83
CA LEU A 26 12.01 -2.80 -9.70
C LEU A 26 12.94 -4.03 -9.70
N SER A 27 12.37 -5.20 -9.81
CA SER A 27 13.21 -6.44 -9.81
C SER A 27 14.28 -6.40 -10.92
N PRO A 28 13.84 -6.19 -12.15
CA PRO A 28 14.80 -6.12 -13.28
C PRO A 28 15.62 -4.82 -13.25
N ALA A 29 15.07 -3.78 -12.67
CA ALA A 29 15.81 -2.49 -12.58
C ALA A 29 16.94 -2.56 -11.56
N ILE A 30 16.72 -3.21 -10.44
CA ILE A 30 17.79 -3.32 -9.40
C ILE A 30 18.82 -4.42 -9.75
N THR A 31 18.53 -5.25 -10.74
CA THR A 31 19.50 -6.32 -11.12
C THR A 31 20.28 -5.92 -12.37
N LYS A 32 19.65 -5.25 -13.31
CA LYS A 32 20.37 -4.83 -14.54
C LYS A 32 20.95 -3.42 -14.36
N TYR A 33 21.58 -3.18 -13.23
CA TYR A 33 22.18 -1.84 -12.97
C TYR A 33 23.46 -2.00 -12.12
N VAL A 34 23.35 -2.68 -11.00
CA VAL A 34 24.56 -2.89 -10.13
C VAL A 34 25.26 -4.21 -10.52
N VAL A 35 25.57 -4.38 -11.78
CA VAL A 35 26.24 -5.63 -12.25
C VAL A 35 27.24 -5.33 -13.38
N ARG A 36 27.71 -4.11 -13.48
CA ARG A 36 28.69 -3.74 -14.56
C ARG A 36 28.09 -4.01 -15.96
N SER A 1 -2.86 -5.99 18.88
CA SER A 1 -3.26 -4.62 19.32
C SER A 1 -4.80 -4.50 19.37
N ASP A 2 -5.29 -3.48 20.04
CA ASP A 2 -6.77 -3.29 20.13
C ASP A 2 -7.11 -1.81 20.33
N LEU A 3 -8.33 -1.43 20.04
CA LEU A 3 -8.77 -0.01 20.20
C LEU A 3 -7.80 0.96 19.48
N PRO A 4 -7.69 0.77 18.18
CA PRO A 4 -6.80 1.62 17.37
C PRO A 4 -7.51 2.93 16.99
N ALA A 5 -7.90 3.70 17.98
CA ALA A 5 -8.59 5.01 17.71
C ALA A 5 -7.66 6.17 18.02
N LEU A 6 -6.47 6.16 17.48
CA LEU A 6 -5.50 7.26 17.75
C LEU A 6 -5.24 8.08 16.47
N SER A 7 -4.78 7.44 15.42
CA SER A 7 -4.51 8.18 14.14
C SER A 7 -4.33 7.20 12.97
N THR A 8 -5.24 6.28 12.79
CA THR A 8 -5.14 5.29 11.67
C THR A 8 -3.77 4.58 11.70
N GLY A 9 -3.55 3.74 12.67
CA GLY A 9 -2.23 3.03 12.77
C GLY A 9 -2.21 1.84 11.80
N LEU A 10 -2.62 0.69 12.24
CA LEU A 10 -2.63 -0.52 11.36
C LEU A 10 -3.49 -0.27 10.11
N LEU A 11 -4.60 0.42 10.25
CA LEU A 11 -5.47 0.70 9.08
C LEU A 11 -4.68 1.43 7.98
N HIS A 12 -4.00 2.50 8.32
CA HIS A 12 -3.20 3.24 7.30
C HIS A 12 -1.91 2.47 6.98
N LEU A 13 -1.39 1.74 7.93
CA LEU A 13 -0.13 0.96 7.68
C LEU A 13 -0.32 0.02 6.48
N HIS A 14 -1.48 -0.61 6.38
CA HIS A 14 -1.75 -1.52 5.23
C HIS A 14 -1.71 -0.72 3.92
N GLN A 15 -2.36 0.42 3.89
CA GLN A 15 -2.36 1.26 2.65
C GLN A 15 -0.93 1.67 2.29
N ASN A 16 -0.11 1.96 3.28
CA ASN A 16 1.30 2.37 3.02
C ASN A 16 2.09 1.18 2.44
N ILE A 17 1.99 0.02 3.06
CA ILE A 17 2.75 -1.17 2.55
C ILE A 17 2.22 -1.57 1.16
N VAL A 18 0.91 -1.68 1.02
CA VAL A 18 0.33 -2.07 -0.31
C VAL A 18 0.67 -1.00 -1.35
N ASP A 19 0.80 0.24 -0.94
CA ASP A 19 1.16 1.33 -1.91
C ASP A 19 2.57 1.08 -2.46
N VAL A 20 3.41 0.38 -1.74
CA VAL A 20 4.78 0.09 -2.24
C VAL A 20 4.78 -1.25 -2.99
N GLN A 21 3.92 -2.16 -2.59
CA GLN A 21 3.86 -3.49 -3.27
C GLN A 21 3.30 -3.33 -4.69
N TYR A 22 2.30 -2.49 -4.86
CA TYR A 22 1.71 -2.30 -6.23
C TYR A 22 2.74 -1.60 -7.15
N MET A 23 3.58 -0.76 -6.60
CA MET A 23 4.60 -0.05 -7.43
C MET A 23 5.84 -0.93 -7.63
N TYR A 24 6.28 -1.61 -6.60
CA TYR A 24 7.49 -2.48 -6.72
C TYR A 24 7.10 -3.96 -6.91
N GLY A 25 5.93 -4.22 -7.43
CA GLY A 25 5.48 -5.63 -7.65
C GLY A 25 5.96 -6.12 -9.02
N LEU A 26 6.01 -5.25 -9.99
CA LEU A 26 6.46 -5.64 -11.37
C LEU A 26 5.59 -6.76 -11.96
N SER A 27 4.35 -6.86 -11.51
CA SER A 27 3.44 -7.93 -12.04
C SER A 27 2.84 -7.51 -13.40
N PRO A 28 2.20 -6.36 -13.43
CA PRO A 28 1.59 -5.87 -14.71
C PRO A 28 2.67 -5.47 -15.73
N ALA A 29 3.91 -5.38 -15.30
CA ALA A 29 5.00 -5.00 -16.25
C ALA A 29 5.61 -6.26 -16.88
N ILE A 30 5.56 -7.37 -16.21
CA ILE A 30 6.14 -8.63 -16.76
C ILE A 30 5.02 -9.56 -17.26
N THR A 31 3.99 -9.73 -16.46
CA THR A 31 2.86 -10.62 -16.86
C THR A 31 2.05 -10.00 -18.01
N LYS A 32 1.92 -8.69 -18.04
CA LYS A 32 1.14 -8.06 -19.15
C LYS A 32 2.07 -7.72 -20.33
N TYR A 33 3.24 -8.29 -20.37
CA TYR A 33 4.19 -8.01 -21.50
C TYR A 33 4.31 -9.25 -22.40
N VAL A 34 4.36 -10.42 -21.82
CA VAL A 34 4.48 -11.67 -22.65
C VAL A 34 3.15 -12.44 -22.60
N VAL A 35 2.33 -12.29 -23.61
CA VAL A 35 1.02 -13.01 -23.64
C VAL A 35 0.88 -13.75 -24.98
N ARG A 36 1.73 -14.70 -25.23
CA ARG A 36 1.66 -15.48 -26.51
C ARG A 36 1.80 -16.97 -26.23
N SER A 1 -5.01 18.59 9.03
CA SER A 1 -4.02 17.73 9.75
C SER A 1 -4.70 16.94 10.87
N ASP A 2 -5.32 15.84 10.53
CA ASP A 2 -6.04 15.01 11.57
C ASP A 2 -5.71 13.53 11.37
N LEU A 3 -4.54 13.12 11.80
CA LEU A 3 -4.15 11.67 11.64
C LEU A 3 -4.83 10.81 12.71
N PRO A 4 -4.69 11.17 13.97
CA PRO A 4 -5.31 10.39 15.07
C PRO A 4 -6.81 10.72 15.17
N ALA A 5 -7.55 10.45 14.13
CA ALA A 5 -9.02 10.74 14.16
C ALA A 5 -9.81 9.56 14.76
N LEU A 6 -9.56 8.37 14.28
CA LEU A 6 -10.30 7.18 14.82
C LEU A 6 -9.36 5.95 14.87
N SER A 7 -8.98 5.43 13.73
CA SER A 7 -8.08 4.23 13.73
C SER A 7 -7.10 4.30 12.54
N THR A 8 -6.21 5.25 12.55
CA THR A 8 -5.23 5.37 11.42
C THR A 8 -3.89 4.71 11.80
N GLY A 9 -3.94 3.56 12.44
CA GLY A 9 -2.68 2.85 12.82
C GLY A 9 -2.45 1.71 11.85
N LEU A 10 -2.98 0.54 12.14
CA LEU A 10 -2.80 -0.62 11.21
C LEU A 10 -3.46 -0.32 9.86
N LEU A 11 -4.61 0.33 9.88
CA LEU A 11 -5.31 0.67 8.60
C LEU A 11 -4.38 1.54 7.73
N HIS A 12 -3.79 2.56 8.31
CA HIS A 12 -2.87 3.44 7.55
C HIS A 12 -1.61 2.67 7.16
N LEU A 13 -1.04 1.92 8.08
CA LEU A 13 0.19 1.12 7.78
C LEU A 13 -0.08 0.17 6.61
N HIS A 14 -1.24 -0.46 6.59
CA HIS A 14 -1.58 -1.40 5.47
C HIS A 14 -1.60 -0.63 4.14
N GLN A 15 -2.25 0.52 4.11
CA GLN A 15 -2.29 1.32 2.85
C GLN A 15 -0.87 1.62 2.35
N ASN A 16 0.01 2.01 3.21
CA ASN A 16 1.42 2.31 2.78
C ASN A 16 2.10 1.04 2.26
N ILE A 17 2.10 -0.03 3.02
CA ILE A 17 2.75 -1.29 2.56
C ILE A 17 2.14 -1.76 1.23
N VAL A 18 0.84 -1.71 1.11
CA VAL A 18 0.19 -2.13 -0.17
C VAL A 18 0.47 -1.11 -1.28
N ASP A 19 0.58 0.14 -0.93
CA ASP A 19 0.87 1.20 -1.96
C ASP A 19 2.33 1.13 -2.44
N VAL A 20 3.16 0.35 -1.78
CA VAL A 20 4.58 0.24 -2.24
C VAL A 20 4.80 -1.09 -2.95
N GLN A 21 4.14 -2.14 -2.50
CA GLN A 21 4.31 -3.48 -3.15
C GLN A 21 3.61 -3.51 -4.52
N TYR A 22 2.48 -2.86 -4.65
CA TYR A 22 1.77 -2.87 -5.97
C TYR A 22 2.65 -2.21 -7.05
N MET A 23 3.46 -1.24 -6.67
CA MET A 23 4.36 -0.57 -7.66
C MET A 23 5.73 -1.26 -7.71
N TYR A 24 5.85 -2.42 -7.08
CA TYR A 24 7.17 -3.15 -7.10
C TYR A 24 7.09 -4.36 -8.04
N GLY A 25 6.18 -4.34 -8.99
CA GLY A 25 6.05 -5.48 -9.95
C GLY A 25 5.33 -5.02 -11.22
N LEU A 26 5.69 -3.86 -11.74
CA LEU A 26 5.03 -3.35 -12.98
C LEU A 26 5.97 -2.42 -13.76
N SER A 27 7.26 -2.55 -13.57
CA SER A 27 8.23 -1.67 -14.30
C SER A 27 8.38 -2.10 -15.77
N PRO A 28 8.66 -3.38 -16.00
CA PRO A 28 8.82 -3.89 -17.38
C PRO A 28 7.46 -3.96 -18.11
N ALA A 29 6.38 -3.77 -17.39
CA ALA A 29 5.02 -3.82 -18.03
C ALA A 29 4.56 -2.40 -18.43
N ILE A 30 5.28 -1.38 -18.02
CA ILE A 30 4.88 0.02 -18.38
C ILE A 30 5.98 0.68 -19.21
N THR A 31 7.23 0.42 -18.91
CA THR A 31 8.35 1.04 -19.69
C THR A 31 8.33 0.59 -21.16
N LYS A 32 7.76 -0.55 -21.46
CA LYS A 32 7.71 -1.04 -22.87
C LYS A 32 6.36 -0.73 -23.51
N TYR A 33 5.43 -0.17 -22.77
CA TYR A 33 4.09 0.15 -23.34
C TYR A 33 3.91 1.66 -23.54
N VAL A 34 4.90 2.46 -23.20
CA VAL A 34 4.77 3.93 -23.39
C VAL A 34 5.88 4.45 -24.31
N VAL A 35 7.13 4.23 -23.94
CA VAL A 35 8.29 4.69 -24.78
C VAL A 35 8.22 6.21 -25.05
N ARG A 36 7.48 6.96 -24.25
CA ARG A 36 7.37 8.43 -24.45
C ARG A 36 6.85 8.76 -25.87
N SER A 1 -12.35 11.34 20.29
CA SER A 1 -11.77 10.22 19.47
C SER A 1 -10.93 9.30 20.36
N ASP A 2 -11.27 8.04 20.42
CA ASP A 2 -10.48 7.08 21.27
C ASP A 2 -10.07 5.86 20.45
N LEU A 3 -9.53 6.09 19.27
CA LEU A 3 -9.09 4.94 18.41
C LEU A 3 -8.01 5.40 17.41
N PRO A 4 -6.94 5.94 17.96
CA PRO A 4 -5.82 6.43 17.12
C PRO A 4 -4.93 5.27 16.61
N ALA A 5 -5.15 4.08 17.11
CA ALA A 5 -4.33 2.91 16.66
C ALA A 5 -5.13 2.02 15.69
N LEU A 6 -6.43 1.97 15.84
CA LEU A 6 -7.26 1.12 14.92
C LEU A 6 -7.70 1.92 13.69
N SER A 7 -7.92 3.20 13.84
CA SER A 7 -8.36 4.03 12.66
C SER A 7 -7.16 4.40 11.78
N THR A 8 -6.09 4.86 12.38
CA THR A 8 -4.90 5.26 11.58
C THR A 8 -3.63 4.54 12.06
N GLY A 9 -3.77 3.37 12.65
CA GLY A 9 -2.57 2.62 13.12
C GLY A 9 -2.28 1.51 12.11
N LEU A 10 -3.00 0.43 12.19
CA LEU A 10 -2.79 -0.70 11.23
C LEU A 10 -3.41 -0.34 9.87
N LEU A 11 -4.52 0.36 9.88
CA LEU A 11 -5.18 0.75 8.59
C LEU A 11 -4.24 1.66 7.78
N HIS A 12 -3.65 2.63 8.43
CA HIS A 12 -2.71 3.55 7.72
C HIS A 12 -1.51 2.77 7.19
N LEU A 13 -1.01 1.83 7.95
CA LEU A 13 0.17 1.03 7.50
C LEU A 13 -0.22 0.13 6.32
N HIS A 14 -1.44 -0.38 6.33
CA HIS A 14 -1.88 -1.26 5.20
C HIS A 14 -1.81 -0.49 3.88
N GLN A 15 -2.56 0.58 3.76
CA GLN A 15 -2.52 1.39 2.49
C GLN A 15 -1.10 1.90 2.23
N ASN A 16 -0.30 2.06 3.24
CA ASN A 16 1.10 2.57 3.06
C ASN A 16 2.01 1.44 2.55
N ILE A 17 1.90 0.26 3.11
CA ILE A 17 2.77 -0.87 2.67
C ILE A 17 2.19 -1.54 1.40
N VAL A 18 0.89 -1.63 1.29
CA VAL A 18 0.27 -2.27 0.09
C VAL A 18 0.59 -1.44 -1.17
N ASP A 19 0.64 -0.15 -1.05
CA ASP A 19 0.94 0.71 -2.24
C ASP A 19 2.46 0.85 -2.45
N VAL A 20 3.25 -0.03 -1.87
CA VAL A 20 4.73 0.06 -2.05
C VAL A 20 5.20 -0.96 -3.10
N GLN A 21 4.70 -2.16 -3.02
CA GLN A 21 5.11 -3.22 -4.02
C GLN A 21 4.77 -2.77 -5.45
N TYR A 22 3.77 -1.92 -5.61
CA TYR A 22 3.39 -1.45 -6.98
C TYR A 22 4.50 -0.54 -7.53
N MET A 23 4.95 0.39 -6.72
CA MET A 23 6.04 1.32 -7.18
C MET A 23 7.39 0.62 -7.12
N TYR A 24 7.58 -0.28 -6.17
CA TYR A 24 8.87 -1.01 -6.06
C TYR A 24 8.68 -2.49 -6.40
N GLY A 25 8.14 -2.77 -7.56
CA GLY A 25 7.90 -4.20 -7.94
C GLY A 25 8.45 -4.45 -9.36
N LEU A 26 7.82 -3.89 -10.36
CA LEU A 26 8.27 -4.11 -11.78
C LEU A 26 8.37 -5.60 -12.10
N SER A 27 7.55 -6.42 -11.48
CA SER A 27 7.59 -7.89 -11.74
C SER A 27 7.26 -8.20 -13.21
N PRO A 28 6.15 -7.67 -13.69
CA PRO A 28 5.75 -7.92 -15.11
C PRO A 28 6.70 -7.20 -16.08
N ALA A 29 7.28 -6.10 -15.65
CA ALA A 29 8.23 -5.35 -16.54
C ALA A 29 9.44 -6.22 -16.89
N ILE A 30 9.91 -7.02 -15.95
CA ILE A 30 11.09 -7.91 -16.24
C ILE A 30 10.62 -9.28 -16.74
N THR A 31 9.53 -9.77 -16.21
CA THR A 31 9.01 -11.10 -16.64
C THR A 31 8.50 -11.04 -18.09
N LYS A 32 7.83 -9.97 -18.47
CA LYS A 32 7.33 -9.85 -19.86
C LYS A 32 8.41 -9.27 -20.79
N TYR A 33 9.66 -9.33 -20.40
CA TYR A 33 10.75 -8.79 -21.26
C TYR A 33 11.71 -9.93 -21.72
N VAL A 34 11.68 -11.06 -21.05
CA VAL A 34 12.59 -12.18 -21.46
C VAL A 34 11.76 -13.43 -21.80
N VAL A 35 11.73 -14.42 -20.93
CA VAL A 35 10.94 -15.67 -21.22
C VAL A 35 11.30 -16.21 -22.61
N ARG A 36 12.52 -16.66 -22.79
CA ARG A 36 12.97 -17.20 -24.12
C ARG A 36 12.87 -16.11 -25.20
N SER A 1 -1.76 10.91 8.58
CA SER A 1 -1.84 11.88 9.70
C SER A 1 -3.17 12.64 9.66
N ASP A 2 -3.83 12.77 10.78
CA ASP A 2 -5.14 13.49 10.81
C ASP A 2 -5.42 14.03 12.23
N LEU A 3 -6.60 14.55 12.44
CA LEU A 3 -6.93 15.10 13.80
C LEU A 3 -7.22 13.97 14.79
N PRO A 4 -8.11 13.06 14.42
CA PRO A 4 -8.45 11.93 15.31
C PRO A 4 -7.52 10.73 15.02
N ALA A 5 -7.87 9.57 15.51
CA ALA A 5 -7.01 8.36 15.27
C ALA A 5 -7.81 7.08 15.52
N LEU A 6 -9.00 7.00 14.99
CA LEU A 6 -9.83 5.76 15.19
C LEU A 6 -9.35 4.66 14.24
N SER A 7 -9.30 4.95 12.95
CA SER A 7 -8.84 3.94 11.96
C SER A 7 -7.66 4.51 11.17
N THR A 8 -6.63 4.94 11.85
CA THR A 8 -5.43 5.52 11.15
C THR A 8 -4.14 4.83 11.61
N GLY A 9 -4.24 3.68 12.23
CA GLY A 9 -3.02 2.95 12.68
C GLY A 9 -2.78 1.77 11.75
N LEU A 10 -3.48 0.68 11.98
CA LEU A 10 -3.31 -0.52 11.10
C LEU A 10 -3.74 -0.20 9.66
N LEU A 11 -4.74 0.64 9.51
CA LEU A 11 -5.20 1.00 8.13
C LEU A 11 -4.10 1.76 7.38
N HIS A 12 -3.50 2.74 8.01
CA HIS A 12 -2.41 3.51 7.34
C HIS A 12 -1.16 2.64 7.18
N LEU A 13 -0.79 1.90 8.19
CA LEU A 13 0.43 1.03 8.09
C LEU A 13 0.23 -0.01 6.97
N HIS A 14 -0.93 -0.63 6.93
CA HIS A 14 -1.20 -1.64 5.86
C HIS A 14 -1.21 -0.96 4.49
N GLN A 15 -1.96 0.10 4.33
CA GLN A 15 -2.00 0.81 3.01
C GLN A 15 -0.58 1.25 2.60
N ASN A 16 0.24 1.64 3.56
CA ASN A 16 1.63 2.06 3.22
C ASN A 16 2.36 0.93 2.49
N ILE A 17 2.18 -0.29 2.94
CA ILE A 17 2.85 -1.46 2.26
C ILE A 17 1.99 -1.97 1.09
N VAL A 18 0.72 -1.66 1.09
CA VAL A 18 -0.18 -2.11 -0.03
C VAL A 18 -0.16 -1.09 -1.18
N ASP A 19 0.38 0.08 -0.94
CA ASP A 19 0.46 1.11 -2.02
C ASP A 19 1.93 1.46 -2.32
N VAL A 20 2.84 0.55 -2.03
CA VAL A 20 4.29 0.82 -2.30
C VAL A 20 4.83 -0.15 -3.35
N GLN A 21 4.44 -1.40 -3.27
CA GLN A 21 4.91 -2.41 -4.26
C GLN A 21 3.97 -2.47 -5.47
N TYR A 22 2.86 -1.78 -5.41
CA TYR A 22 1.89 -1.81 -6.56
C TYR A 22 1.77 -0.42 -7.20
N MET A 23 2.25 0.62 -6.53
CA MET A 23 2.17 1.99 -7.12
C MET A 23 3.57 2.46 -7.55
N TYR A 24 4.49 1.55 -7.78
CA TYR A 24 5.86 1.95 -8.21
C TYR A 24 6.04 1.70 -9.73
N GLY A 25 4.96 1.70 -10.47
CA GLY A 25 5.07 1.46 -11.94
C GLY A 25 3.85 0.66 -12.42
N LEU A 26 2.67 1.22 -12.28
CA LEU A 26 1.44 0.50 -12.73
C LEU A 26 0.34 1.52 -13.09
N SER A 27 0.58 2.31 -14.11
CA SER A 27 -0.44 3.32 -14.53
C SER A 27 -1.69 2.64 -15.11
N PRO A 28 -1.49 1.78 -16.09
CA PRO A 28 -2.63 1.07 -16.72
C PRO A 28 -3.14 -0.06 -15.80
N ALA A 29 -3.57 0.29 -14.60
CA ALA A 29 -4.08 -0.74 -13.65
C ALA A 29 -4.99 -0.10 -12.61
N ILE A 30 -4.50 0.89 -11.89
CA ILE A 30 -5.35 1.57 -10.86
C ILE A 30 -6.45 2.39 -11.53
N THR A 31 -6.25 2.78 -12.77
CA THR A 31 -7.28 3.59 -13.50
C THR A 31 -8.58 2.78 -13.62
N LYS A 32 -8.49 1.51 -13.92
CA LYS A 32 -9.72 0.66 -14.04
C LYS A 32 -10.39 0.49 -12.67
N TYR A 33 -9.64 0.62 -11.61
CA TYR A 33 -10.22 0.47 -10.25
C TYR A 33 -10.92 1.77 -9.82
N VAL A 34 -10.45 2.90 -10.31
CA VAL A 34 -11.08 4.20 -9.94
C VAL A 34 -12.15 4.60 -10.96
N VAL A 35 -11.91 4.36 -12.23
CA VAL A 35 -12.91 4.72 -13.27
C VAL A 35 -13.70 3.50 -13.75
N ARG A 36 -13.59 2.38 -13.05
CA ARG A 36 -14.34 1.13 -13.45
C ARG A 36 -13.97 0.69 -14.88
N SER A 1 -6.14 16.89 18.92
CA SER A 1 -7.41 16.56 18.19
C SER A 1 -7.16 15.41 17.20
N ASP A 2 -8.20 14.96 16.53
CA ASP A 2 -8.06 13.84 15.53
C ASP A 2 -7.43 12.60 16.19
N LEU A 3 -8.24 11.83 16.89
CA LEU A 3 -7.71 10.60 17.55
C LEU A 3 -8.87 9.64 17.86
N PRO A 4 -9.09 8.74 16.94
CA PRO A 4 -10.17 7.73 17.10
C PRO A 4 -9.68 6.53 17.93
N ALA A 5 -9.35 6.77 19.18
CA ALA A 5 -8.85 5.66 20.06
C ALA A 5 -7.69 4.91 19.40
N LEU A 6 -6.86 5.60 18.65
CA LEU A 6 -5.70 4.93 17.96
C LEU A 6 -6.17 3.75 17.10
N SER A 7 -7.35 3.85 16.52
CA SER A 7 -7.86 2.74 15.66
C SER A 7 -7.40 2.92 14.20
N THR A 8 -6.85 4.06 13.87
CA THR A 8 -6.38 4.29 12.47
C THR A 8 -4.85 4.16 12.38
N GLY A 9 -4.30 3.19 13.08
CA GLY A 9 -2.82 3.00 13.03
C GLY A 9 -2.48 1.85 12.07
N LEU A 10 -3.17 0.75 12.20
CA LEU A 10 -2.90 -0.42 11.30
C LEU A 10 -3.46 -0.16 9.89
N LEU A 11 -4.62 0.44 9.80
CA LEU A 11 -5.22 0.73 8.46
C LEU A 11 -4.26 1.59 7.62
N HIS A 12 -3.77 2.66 8.19
CA HIS A 12 -2.82 3.54 7.44
C HIS A 12 -1.54 2.76 7.11
N LEU A 13 -1.08 1.94 8.03
CA LEU A 13 0.15 1.13 7.78
C LEU A 13 -0.09 0.16 6.61
N HIS A 14 -1.26 -0.43 6.56
CA HIS A 14 -1.59 -1.38 5.45
C HIS A 14 -1.47 -0.66 4.10
N GLN A 15 -2.14 0.45 3.94
CA GLN A 15 -2.05 1.22 2.66
C GLN A 15 -0.59 1.50 2.32
N ASN A 16 0.22 1.81 3.31
CA ASN A 16 1.66 2.09 3.05
C ASN A 16 2.39 0.81 2.58
N ILE A 17 2.03 -0.33 3.12
CA ILE A 17 2.70 -1.61 2.70
C ILE A 17 2.06 -2.15 1.41
N VAL A 18 0.89 -1.66 1.05
CA VAL A 18 0.24 -2.14 -0.20
C VAL A 18 0.58 -1.19 -1.36
N ASP A 19 0.35 0.08 -1.18
CA ASP A 19 0.66 1.09 -2.24
C ASP A 19 2.16 1.06 -2.62
N VAL A 20 2.99 0.49 -1.78
CA VAL A 20 4.46 0.44 -2.11
C VAL A 20 4.72 -0.25 -3.46
N GLN A 21 3.85 -1.14 -3.86
CA GLN A 21 4.06 -1.86 -5.16
C GLN A 21 3.20 -1.26 -6.28
N TYR A 22 2.21 -0.47 -5.95
CA TYR A 22 1.34 0.11 -7.02
C TYR A 22 1.54 1.63 -7.11
N MET A 23 1.85 2.27 -6.02
CA MET A 23 2.08 3.76 -6.05
C MET A 23 3.54 4.08 -6.38
N TYR A 24 4.29 3.13 -6.90
CA TYR A 24 5.72 3.39 -7.25
C TYR A 24 5.86 3.70 -8.75
N GLY A 25 4.85 4.27 -9.36
CA GLY A 25 4.92 4.59 -10.83
C GLY A 25 5.28 6.08 -11.02
N LEU A 26 5.81 6.72 -10.00
CA LEU A 26 6.19 8.18 -10.13
C LEU A 26 5.01 9.02 -10.67
N SER A 27 3.81 8.69 -10.29
CA SER A 27 2.63 9.49 -10.78
C SER A 27 2.73 10.95 -10.32
N PRO A 28 2.87 11.16 -9.03
CA PRO A 28 2.99 12.54 -8.49
C PRO A 28 4.34 13.16 -8.88
N ALA A 29 5.35 12.33 -9.07
CA ALA A 29 6.69 12.86 -9.46
C ALA A 29 6.61 13.61 -10.80
N ILE A 30 5.79 13.14 -11.71
CA ILE A 30 5.65 13.84 -13.02
C ILE A 30 4.64 14.99 -12.91
N THR A 31 3.67 14.86 -12.04
CA THR A 31 2.66 15.95 -11.86
C THR A 31 3.31 17.14 -11.15
N LYS A 32 4.08 16.88 -10.12
CA LYS A 32 4.76 18.00 -9.39
C LYS A 32 6.12 18.32 -10.05
N TYR A 33 6.14 18.36 -11.36
CA TYR A 33 7.41 18.66 -12.09
C TYR A 33 7.08 19.32 -13.43
N VAL A 34 6.23 18.69 -14.22
CA VAL A 34 5.84 19.28 -15.53
C VAL A 34 4.54 20.08 -15.38
N VAL A 35 3.66 19.64 -14.52
CA VAL A 35 2.36 20.37 -14.32
C VAL A 35 2.33 20.99 -12.91
N ARG A 36 3.37 21.75 -12.56
CA ARG A 36 3.45 22.40 -11.22
C ARG A 36 3.59 21.36 -10.10
N SER A 1 1.21 7.22 27.98
CA SER A 1 0.75 5.83 27.75
C SER A 1 -0.70 5.82 27.24
N ASP A 2 -0.92 5.30 26.07
CA ASP A 2 -2.31 5.26 25.51
C ASP A 2 -2.64 3.86 24.98
N LEU A 3 -3.76 3.73 24.30
CA LEU A 3 -4.15 2.39 23.74
C LEU A 3 -5.28 2.57 22.70
N PRO A 4 -6.39 3.15 23.10
CA PRO A 4 -7.53 3.36 22.15
C PRO A 4 -7.18 4.44 21.12
N ALA A 5 -6.22 5.28 21.41
CA ALA A 5 -5.83 6.35 20.44
C ALA A 5 -5.10 5.74 19.23
N LEU A 6 -4.56 4.55 19.35
CA LEU A 6 -3.85 3.91 18.21
C LEU A 6 -4.78 2.95 17.47
N SER A 7 -6.01 3.35 17.24
CA SER A 7 -6.97 2.46 16.51
C SER A 7 -6.81 2.62 15.00
N THR A 8 -6.35 3.76 14.55
CA THR A 8 -6.18 3.98 13.08
C THR A 8 -4.69 3.86 12.71
N GLY A 9 -4.02 2.86 13.22
CA GLY A 9 -2.57 2.68 12.88
C GLY A 9 -2.43 1.64 11.78
N LEU A 10 -2.95 0.45 12.00
CA LEU A 10 -2.86 -0.63 10.97
C LEU A 10 -3.58 -0.20 9.68
N LEU A 11 -4.67 0.52 9.80
CA LEU A 11 -5.42 0.97 8.58
C LEU A 11 -4.49 1.80 7.68
N HIS A 12 -3.79 2.74 8.25
CA HIS A 12 -2.86 3.59 7.45
C HIS A 12 -1.60 2.79 7.10
N LEU A 13 -1.07 2.05 8.05
CA LEU A 13 0.16 1.24 7.79
C LEU A 13 -0.09 0.25 6.64
N HIS A 14 -1.23 -0.40 6.62
CA HIS A 14 -1.55 -1.36 5.53
C HIS A 14 -1.50 -0.65 4.17
N GLN A 15 -2.22 0.45 4.04
CA GLN A 15 -2.22 1.20 2.75
C GLN A 15 -0.79 1.62 2.36
N ASN A 16 0.02 1.96 3.33
CA ASN A 16 1.43 2.38 3.03
C ASN A 16 2.24 1.20 2.48
N ILE A 17 2.07 0.02 3.04
CA ILE A 17 2.84 -1.17 2.55
C ILE A 17 2.26 -1.69 1.23
N VAL A 18 0.95 -1.76 1.13
CA VAL A 18 0.31 -2.26 -0.14
C VAL A 18 0.54 -1.26 -1.28
N ASP A 19 0.52 0.01 -1.00
CA ASP A 19 0.75 1.04 -2.08
C ASP A 19 2.18 0.96 -2.60
N VAL A 20 3.08 0.35 -1.87
CA VAL A 20 4.49 0.23 -2.35
C VAL A 20 4.72 -1.18 -2.91
N GLN A 21 4.11 -2.16 -2.31
CA GLN A 21 4.26 -3.57 -2.79
C GLN A 21 3.61 -3.75 -4.18
N TYR A 22 2.47 -3.13 -4.40
CA TYR A 22 1.80 -3.28 -5.73
C TYR A 22 2.68 -2.68 -6.85
N MET A 23 3.42 -1.64 -6.55
CA MET A 23 4.29 -1.00 -7.59
C MET A 23 5.67 -1.69 -7.62
N TYR A 24 6.22 -2.01 -6.48
CA TYR A 24 7.56 -2.68 -6.45
C TYR A 24 7.41 -4.21 -6.42
N GLY A 25 6.28 -4.72 -6.86
CA GLY A 25 6.06 -6.19 -6.85
C GLY A 25 5.02 -6.56 -7.91
N LEU A 26 5.34 -6.38 -9.17
CA LEU A 26 4.36 -6.71 -10.25
C LEU A 26 4.39 -8.21 -10.56
N SER A 27 5.55 -8.82 -10.49
CA SER A 27 5.67 -10.29 -10.77
C SER A 27 4.73 -11.09 -9.85
N PRO A 28 4.82 -10.85 -8.55
CA PRO A 28 3.95 -11.58 -7.58
C PRO A 28 2.49 -11.13 -7.71
N ALA A 29 2.26 -9.95 -8.23
CA ALA A 29 0.85 -9.46 -8.40
C ALA A 29 0.22 -10.06 -9.66
N ILE A 30 0.94 -10.11 -10.75
CA ILE A 30 0.38 -10.68 -12.01
C ILE A 30 0.22 -12.21 -11.91
N THR A 31 1.05 -12.86 -11.14
CA THR A 31 0.93 -14.36 -10.99
C THR A 31 -0.39 -14.71 -10.30
N LYS A 32 -0.80 -13.91 -9.33
CA LYS A 32 -2.09 -14.20 -8.64
C LYS A 32 -3.25 -13.55 -9.40
N TYR A 33 -2.98 -12.51 -10.15
CA TYR A 33 -4.07 -11.83 -10.93
C TYR A 33 -4.56 -12.75 -12.05
N VAL A 34 -3.68 -13.44 -12.73
CA VAL A 34 -4.11 -14.36 -13.83
C VAL A 34 -4.90 -15.54 -13.25
N VAL A 35 -4.58 -15.97 -12.05
CA VAL A 35 -5.33 -17.12 -11.43
C VAL A 35 -6.45 -16.61 -10.51
N ARG A 36 -6.54 -15.31 -10.31
CA ARG A 36 -7.60 -14.72 -9.43
C ARG A 36 -7.53 -15.36 -8.03
N SER A 1 -8.78 -9.67 20.36
CA SER A 1 -7.75 -8.70 19.86
C SER A 1 -7.88 -8.54 18.35
N ASP A 2 -9.01 -8.04 17.89
CA ASP A 2 -9.21 -7.85 16.42
C ASP A 2 -9.90 -6.51 16.14
N LEU A 3 -10.32 -6.29 14.92
CA LEU A 3 -11.00 -5.01 14.54
C LEU A 3 -10.14 -3.79 14.94
N PRO A 4 -8.99 -3.70 14.31
CA PRO A 4 -8.06 -2.59 14.58
C PRO A 4 -8.44 -1.35 13.76
N ALA A 5 -9.61 -0.81 14.02
CA ALA A 5 -10.06 0.41 13.26
C ALA A 5 -10.37 1.54 14.23
N LEU A 6 -9.41 1.91 15.05
CA LEU A 6 -9.62 3.02 16.03
C LEU A 6 -9.53 4.38 15.32
N SER A 7 -8.42 4.65 14.69
CA SER A 7 -8.27 5.96 13.98
C SER A 7 -7.55 5.75 12.64
N THR A 8 -6.25 5.79 12.63
CA THR A 8 -5.48 5.60 11.35
C THR A 8 -4.13 4.94 11.65
N GLY A 9 -4.14 3.81 12.31
CA GLY A 9 -2.86 3.12 12.64
C GLY A 9 -2.65 1.93 11.71
N LEU A 10 -3.22 0.79 12.05
CA LEU A 10 -3.06 -0.42 11.19
C LEU A 10 -3.60 -0.15 9.77
N LEU A 11 -4.70 0.57 9.67
CA LEU A 11 -5.28 0.88 8.33
C LEU A 11 -4.24 1.65 7.49
N HIS A 12 -3.65 2.67 8.06
CA HIS A 12 -2.61 3.44 7.31
C HIS A 12 -1.38 2.56 7.05
N LEU A 13 -0.96 1.81 8.03
CA LEU A 13 0.23 0.91 7.85
C LEU A 13 -0.03 -0.07 6.69
N HIS A 14 -1.23 -0.61 6.60
CA HIS A 14 -1.54 -1.55 5.50
C HIS A 14 -1.33 -0.86 4.14
N GLN A 15 -1.83 0.35 3.99
CA GLN A 15 -1.64 1.09 2.71
C GLN A 15 -0.16 1.40 2.49
N ASN A 16 0.57 1.65 3.56
CA ASN A 16 2.02 1.94 3.42
C ASN A 16 2.78 0.71 2.89
N ILE A 17 2.15 -0.45 2.93
CA ILE A 17 2.82 -1.69 2.43
C ILE A 17 2.18 -2.12 1.10
N VAL A 18 0.88 -1.98 0.98
CA VAL A 18 0.18 -2.39 -0.28
C VAL A 18 0.25 -1.26 -1.33
N ASP A 19 0.04 -0.04 -0.90
CA ASP A 19 0.09 1.11 -1.86
C ASP A 19 1.53 1.49 -2.22
N VAL A 20 2.51 0.85 -1.64
CA VAL A 20 3.93 1.19 -1.97
C VAL A 20 4.57 0.06 -2.79
N GLN A 21 4.11 -1.16 -2.61
CA GLN A 21 4.69 -2.30 -3.38
C GLN A 21 4.09 -2.33 -4.80
N TYR A 22 2.83 -2.02 -4.93
CA TYR A 22 2.18 -2.02 -6.28
C TYR A 22 2.82 -0.96 -7.19
N MET A 23 3.26 0.14 -6.63
CA MET A 23 3.90 1.21 -7.45
C MET A 23 5.39 0.93 -7.66
N TYR A 24 5.97 0.01 -6.92
CA TYR A 24 7.41 -0.31 -7.11
C TYR A 24 7.59 -1.56 -7.98
N GLY A 25 6.83 -1.66 -9.04
CA GLY A 25 6.95 -2.85 -9.93
C GLY A 25 6.36 -2.52 -11.31
N LEU A 26 6.75 -1.43 -11.90
CA LEU A 26 6.21 -1.05 -13.24
C LEU A 26 7.29 -1.14 -14.34
N SER A 27 8.53 -1.35 -13.95
CA SER A 27 9.63 -1.45 -14.97
C SER A 27 9.40 -2.63 -15.92
N PRO A 28 9.17 -3.81 -15.36
CA PRO A 28 8.94 -5.02 -16.20
C PRO A 28 7.57 -4.93 -16.92
N ALA A 29 6.69 -4.09 -16.46
CA ALA A 29 5.35 -3.96 -17.10
C ALA A 29 5.44 -3.09 -18.37
N ILE A 30 6.18 -2.00 -18.29
CA ILE A 30 6.31 -1.10 -19.49
C ILE A 30 7.12 -1.78 -20.60
N THR A 31 8.20 -2.43 -20.25
CA THR A 31 9.04 -3.11 -21.29
C THR A 31 8.24 -4.24 -21.99
N LYS A 32 7.33 -4.87 -21.27
CA LYS A 32 6.51 -5.96 -21.90
C LYS A 32 5.46 -5.35 -22.85
N TYR A 33 5.03 -4.14 -22.56
CA TYR A 33 4.04 -3.47 -23.44
C TYR A 33 4.75 -2.81 -24.63
N VAL A 34 5.84 -2.12 -24.37
CA VAL A 34 6.60 -1.46 -25.47
C VAL A 34 7.47 -2.49 -26.21
N VAL A 35 8.05 -2.11 -27.33
CA VAL A 35 8.92 -3.04 -28.11
C VAL A 35 8.12 -4.27 -28.56
N ARG A 36 7.28 -4.12 -29.56
CA ARG A 36 6.45 -5.26 -30.04
C ARG A 36 7.01 -5.79 -31.37
N SER A 1 -7.11 6.13 26.62
CA SER A 1 -6.42 4.87 27.02
C SER A 1 -6.51 3.84 25.90
N ASP A 2 -5.38 3.30 25.49
CA ASP A 2 -5.35 2.27 24.39
C ASP A 2 -5.89 2.86 23.08
N LEU A 3 -5.87 2.08 22.02
CA LEU A 3 -6.37 2.56 20.69
C LEU A 3 -5.71 3.90 20.31
N PRO A 4 -4.43 3.84 20.08
CA PRO A 4 -3.64 5.04 19.71
C PRO A 4 -3.58 5.18 18.17
N ALA A 5 -2.59 5.90 17.68
CA ALA A 5 -2.44 6.10 16.19
C ALA A 5 -3.75 6.63 15.58
N LEU A 6 -4.45 7.49 16.28
CA LEU A 6 -5.74 8.07 15.75
C LEU A 6 -6.71 6.94 15.36
N SER A 7 -6.69 5.84 16.08
CA SER A 7 -7.60 4.69 15.77
C SER A 7 -7.48 4.26 14.30
N THR A 8 -6.29 4.33 13.74
CA THR A 8 -6.09 3.91 12.32
C THR A 8 -4.60 3.62 12.02
N GLY A 9 -3.88 3.13 12.99
CA GLY A 9 -2.43 2.83 12.76
C GLY A 9 -2.30 1.66 11.77
N LEU A 10 -2.97 0.57 12.04
CA LEU A 10 -2.89 -0.60 11.10
C LEU A 10 -3.52 -0.24 9.75
N LEU A 11 -4.63 0.48 9.77
CA LEU A 11 -5.29 0.88 8.49
C LEU A 11 -4.34 1.75 7.66
N HIS A 12 -3.69 2.69 8.29
CA HIS A 12 -2.72 3.57 7.55
C HIS A 12 -1.51 2.75 7.11
N LEU A 13 -0.98 1.93 7.99
CA LEU A 13 0.21 1.09 7.63
C LEU A 13 -0.17 0.11 6.50
N HIS A 14 -1.37 -0.41 6.53
CA HIS A 14 -1.81 -1.36 5.47
C HIS A 14 -1.70 -0.70 4.10
N GLN A 15 -2.35 0.42 3.90
CA GLN A 15 -2.26 1.13 2.58
C GLN A 15 -0.80 1.51 2.30
N ASN A 16 -0.09 1.94 3.31
CA ASN A 16 1.35 2.33 3.12
C ASN A 16 2.17 1.14 2.57
N ILE A 17 1.97 -0.03 3.10
CA ILE A 17 2.73 -1.22 2.61
C ILE A 17 2.08 -1.79 1.34
N VAL A 18 0.77 -1.76 1.27
CA VAL A 18 0.05 -2.30 0.06
C VAL A 18 0.16 -1.35 -1.14
N ASP A 19 0.67 -0.16 -0.95
CA ASP A 19 0.78 0.79 -2.10
C ASP A 19 2.25 1.18 -2.34
N VAL A 20 3.18 0.32 -2.00
CA VAL A 20 4.63 0.64 -2.23
C VAL A 20 5.32 -0.53 -2.93
N GLN A 21 5.27 -1.70 -2.34
CA GLN A 21 5.90 -2.90 -2.96
C GLN A 21 5.21 -3.26 -4.30
N TYR A 22 4.09 -2.65 -4.58
CA TYR A 22 3.36 -2.97 -5.85
C TYR A 22 3.56 -1.84 -6.89
N MET A 23 4.28 -0.80 -6.54
CA MET A 23 4.51 0.32 -7.50
C MET A 23 6.01 0.70 -7.54
N TYR A 24 6.89 -0.23 -7.22
CA TYR A 24 8.35 0.10 -7.24
C TYR A 24 9.10 -0.82 -8.21
N GLY A 25 8.40 -1.50 -9.09
CA GLY A 25 9.07 -2.41 -10.07
C GLY A 25 8.84 -1.91 -11.50
N LEU A 26 8.83 -0.62 -11.71
CA LEU A 26 8.61 -0.08 -13.08
C LEU A 26 9.87 0.64 -13.58
N SER A 27 11.02 0.32 -13.03
CA SER A 27 12.29 0.96 -13.47
C SER A 27 13.51 0.15 -12.98
N PRO A 28 13.65 0.02 -11.67
CA PRO A 28 14.78 -0.78 -11.12
C PRO A 28 14.58 -2.28 -11.36
N ALA A 29 13.37 -2.69 -11.67
CA ALA A 29 13.10 -4.14 -11.91
C ALA A 29 13.04 -4.44 -13.43
N ILE A 30 12.97 -3.42 -14.26
CA ILE A 30 12.90 -3.65 -15.74
C ILE A 30 14.11 -3.03 -16.42
N THR A 31 14.41 -1.79 -16.13
CA THR A 31 15.58 -1.11 -16.76
C THR A 31 16.89 -1.69 -16.25
N LYS A 32 16.93 -2.15 -15.01
CA LYS A 32 18.19 -2.75 -14.47
C LYS A 32 18.27 -4.25 -14.80
N TYR A 33 17.35 -4.77 -15.58
CA TYR A 33 17.39 -6.22 -15.94
C TYR A 33 17.91 -6.39 -17.37
N VAL A 34 17.48 -5.54 -18.28
CA VAL A 34 17.97 -5.66 -19.69
C VAL A 34 19.25 -4.82 -19.87
N VAL A 35 20.23 -5.07 -19.04
CA VAL A 35 21.51 -4.29 -19.13
C VAL A 35 22.65 -5.08 -18.47
N ARG A 36 22.64 -6.38 -18.60
CA ARG A 36 23.73 -7.22 -18.00
C ARG A 36 24.43 -8.05 -19.08
N SER A 1 -20.66 4.12 20.76
CA SER A 1 -19.22 4.16 20.35
C SER A 1 -18.46 5.19 21.19
N ASP A 2 -17.44 4.77 21.89
CA ASP A 2 -16.65 5.71 22.73
C ASP A 2 -15.21 5.79 22.23
N LEU A 3 -15.02 5.90 20.94
CA LEU A 3 -13.65 5.97 20.37
C LEU A 3 -13.66 6.73 19.03
N PRO A 4 -14.00 8.00 19.11
CA PRO A 4 -14.07 8.85 17.91
C PRO A 4 -12.70 9.48 17.61
N ALA A 5 -11.78 8.69 17.10
CA ALA A 5 -10.42 9.23 16.78
C ALA A 5 -10.17 9.18 15.26
N LEU A 6 -10.30 8.00 14.66
CA LEU A 6 -10.08 7.86 13.19
C LEU A 6 -8.69 8.41 12.80
N SER A 7 -7.68 8.09 13.56
CA SER A 7 -6.30 8.58 13.25
C SER A 7 -5.64 7.72 12.16
N THR A 8 -6.25 6.61 11.81
CA THR A 8 -5.68 5.71 10.75
C THR A 8 -4.29 5.20 11.18
N GLY A 9 -4.26 4.22 12.05
CA GLY A 9 -2.95 3.66 12.51
C GLY A 9 -2.68 2.33 11.81
N LEU A 10 -3.31 1.27 12.25
CA LEU A 10 -3.11 -0.07 11.60
C LEU A 10 -3.54 -0.01 10.13
N LEU A 11 -4.65 0.65 9.85
CA LEU A 11 -5.13 0.76 8.44
C LEU A 11 -4.06 1.45 7.58
N HIS A 12 -3.45 2.49 8.10
CA HIS A 12 -2.38 3.21 7.33
C HIS A 12 -1.18 2.28 7.11
N LEU A 13 -0.85 1.47 8.10
CA LEU A 13 0.29 0.52 7.95
C LEU A 13 0.00 -0.45 6.79
N HIS A 14 -1.21 -0.94 6.71
CA HIS A 14 -1.58 -1.88 5.61
C HIS A 14 -1.55 -1.13 4.27
N GLN A 15 -2.16 0.03 4.21
CA GLN A 15 -2.17 0.82 2.95
C GLN A 15 -0.73 1.17 2.54
N ASN A 16 0.13 1.39 3.50
CA ASN A 16 1.56 1.72 3.19
C ASN A 16 2.22 0.56 2.44
N ILE A 17 2.10 -0.64 2.97
CA ILE A 17 2.72 -1.83 2.29
C ILE A 17 1.95 -2.17 0.99
N VAL A 18 0.72 -1.72 0.86
CA VAL A 18 -0.07 -2.03 -0.37
C VAL A 18 0.00 -0.89 -1.39
N ASP A 19 0.55 0.25 -1.01
CA ASP A 19 0.64 1.39 -1.97
C ASP A 19 2.10 1.84 -2.14
N VAL A 20 3.04 0.94 -1.97
CA VAL A 20 4.49 1.32 -2.14
C VAL A 20 5.13 0.39 -3.17
N GLN A 21 5.07 -0.89 -2.93
CA GLN A 21 5.65 -1.87 -3.89
C GLN A 21 4.86 -1.89 -5.20
N TYR A 22 3.67 -1.34 -5.21
CA TYR A 22 2.84 -1.32 -6.45
C TYR A 22 2.84 0.08 -7.07
N MET A 23 2.71 1.10 -6.25
CA MET A 23 2.70 2.49 -6.80
C MET A 23 4.12 2.90 -7.23
N TYR A 24 5.13 2.41 -6.55
CA TYR A 24 6.54 2.78 -6.93
C TYR A 24 7.14 1.67 -7.83
N GLY A 25 6.37 1.14 -8.74
CA GLY A 25 6.90 0.07 -9.65
C GLY A 25 7.69 0.70 -10.80
N LEU A 26 7.29 1.87 -11.25
CA LEU A 26 8.02 2.55 -12.38
C LEU A 26 7.99 1.68 -13.64
N SER A 27 6.88 1.01 -13.90
CA SER A 27 6.78 0.14 -15.11
C SER A 27 5.31 -0.30 -15.32
N PRO A 28 4.79 -1.05 -14.37
CA PRO A 28 3.37 -1.52 -14.47
C PRO A 28 2.40 -0.36 -14.31
N ALA A 29 2.79 0.67 -13.61
CA ALA A 29 1.90 1.85 -13.41
C ALA A 29 1.58 2.50 -14.77
N ILE A 30 2.53 2.54 -15.66
CA ILE A 30 2.28 3.16 -17.01
C ILE A 30 1.54 2.16 -17.90
N THR A 31 1.88 0.90 -17.82
CA THR A 31 1.18 -0.13 -18.66
C THR A 31 -0.29 -0.24 -18.24
N LYS A 32 -0.55 -0.28 -16.95
CA LYS A 32 -1.97 -0.37 -16.46
C LYS A 32 -2.74 0.91 -16.79
N TYR A 33 -2.05 1.99 -17.01
CA TYR A 33 -2.75 3.27 -17.35
C TYR A 33 -3.31 3.24 -18.77
N VAL A 34 -2.76 2.40 -19.63
CA VAL A 34 -3.28 2.32 -21.03
C VAL A 34 -3.98 0.97 -21.26
N VAL A 35 -3.25 -0.13 -21.21
CA VAL A 35 -3.86 -1.48 -21.44
C VAL A 35 -4.62 -1.51 -22.77
N ARG A 36 -3.91 -1.51 -23.86
CA ARG A 36 -4.56 -1.54 -25.21
C ARG A 36 -5.46 -0.30 -25.41
N SER A 1 0.96 9.69 16.26
CA SER A 1 -0.47 9.50 15.88
C SER A 1 -0.69 8.10 15.30
N ASP A 2 -1.67 7.38 15.80
CA ASP A 2 -1.94 5.99 15.30
C ASP A 2 -0.68 5.13 15.33
N LEU A 3 0.16 5.31 16.33
CA LEU A 3 1.42 4.51 16.42
C LEU A 3 1.12 3.09 16.94
N PRO A 4 0.42 3.01 18.05
CA PRO A 4 0.07 1.68 18.63
C PRO A 4 -1.18 1.09 17.97
N ALA A 5 -1.57 1.57 16.80
CA ALA A 5 -2.78 1.04 16.10
C ALA A 5 -4.03 1.13 17.00
N LEU A 6 -4.12 2.14 17.81
CA LEU A 6 -5.30 2.30 18.71
C LEU A 6 -6.55 2.72 17.92
N SER A 7 -6.37 3.47 16.86
CA SER A 7 -7.55 3.92 16.05
C SER A 7 -7.37 3.49 14.58
N THR A 8 -6.55 4.19 13.84
CA THR A 8 -6.36 3.83 12.40
C THR A 8 -4.85 3.66 12.10
N GLY A 9 -4.10 3.14 13.04
CA GLY A 9 -2.64 2.95 12.81
C GLY A 9 -2.43 1.80 11.82
N LEU A 10 -2.91 0.62 12.15
CA LEU A 10 -2.75 -0.55 11.23
C LEU A 10 -3.44 -0.27 9.89
N LEU A 11 -4.60 0.35 9.92
CA LEU A 11 -5.32 0.66 8.64
C LEU A 11 -4.43 1.53 7.74
N HIS A 12 -3.87 2.58 8.29
CA HIS A 12 -2.97 3.46 7.48
C HIS A 12 -1.68 2.71 7.13
N LEU A 13 -1.10 2.03 8.10
CA LEU A 13 0.16 1.26 7.83
C LEU A 13 -0.06 0.26 6.69
N HIS A 14 -1.19 -0.40 6.67
CA HIS A 14 -1.48 -1.38 5.59
C HIS A 14 -1.54 -0.66 4.24
N GLN A 15 -2.26 0.44 4.18
CA GLN A 15 -2.37 1.21 2.90
C GLN A 15 -0.98 1.54 2.34
N ASN A 16 -0.05 1.94 3.19
CA ASN A 16 1.32 2.27 2.70
C ASN A 16 2.03 1.01 2.19
N ILE A 17 1.99 -0.06 2.94
CA ILE A 17 2.65 -1.33 2.49
C ILE A 17 2.08 -1.77 1.14
N VAL A 18 0.79 -1.62 0.96
CA VAL A 18 0.15 -2.01 -0.34
C VAL A 18 0.55 -1.01 -1.44
N ASP A 19 0.67 0.24 -1.08
CA ASP A 19 1.07 1.27 -2.09
C ASP A 19 2.53 1.08 -2.54
N VAL A 20 3.29 0.32 -1.81
CA VAL A 20 4.71 0.09 -2.21
C VAL A 20 4.84 -1.29 -2.87
N GLN A 21 4.17 -2.28 -2.33
CA GLN A 21 4.23 -3.66 -2.91
C GLN A 21 3.64 -3.69 -4.32
N TYR A 22 2.56 -2.98 -4.55
CA TYR A 22 1.93 -2.97 -5.91
C TYR A 22 2.90 -2.36 -6.95
N MET A 23 3.76 -1.47 -6.54
CA MET A 23 4.73 -0.84 -7.50
C MET A 23 6.14 -1.44 -7.32
N TYR A 24 6.25 -2.59 -6.69
CA TYR A 24 7.61 -3.21 -6.50
C TYR A 24 7.67 -4.58 -7.19
N GLY A 25 6.85 -4.81 -8.19
CA GLY A 25 6.86 -6.12 -8.91
C GLY A 25 6.50 -7.25 -7.93
N LEU A 26 5.56 -7.04 -7.05
CA LEU A 26 5.17 -8.12 -6.09
C LEU A 26 3.68 -8.47 -6.20
N SER A 27 2.97 -7.90 -7.14
CA SER A 27 1.52 -8.22 -7.30
C SER A 27 1.34 -9.65 -7.80
N PRO A 28 1.89 -9.95 -8.97
CA PRO A 28 1.77 -11.31 -9.53
C PRO A 28 2.64 -12.30 -8.74
N ALA A 29 3.69 -11.81 -8.11
CA ALA A 29 4.57 -12.71 -7.31
C ALA A 29 3.81 -13.32 -6.13
N ILE A 30 2.91 -12.58 -5.52
CA ILE A 30 2.13 -13.12 -4.37
C ILE A 30 1.00 -14.01 -4.87
N THR A 31 0.37 -13.65 -5.95
CA THR A 31 -0.74 -14.49 -6.50
C THR A 31 -0.21 -15.88 -6.90
N LYS A 32 0.98 -15.94 -7.46
CA LYS A 32 1.55 -17.26 -7.86
C LYS A 32 1.92 -18.07 -6.60
N TYR A 33 2.37 -17.41 -5.57
CA TYR A 33 2.75 -18.13 -4.31
C TYR A 33 1.49 -18.52 -3.54
N VAL A 34 0.52 -17.64 -3.47
CA VAL A 34 -0.74 -17.94 -2.73
C VAL A 34 -1.83 -18.40 -3.71
N VAL A 35 -1.77 -19.64 -4.13
CA VAL A 35 -2.79 -20.15 -5.11
C VAL A 35 -3.24 -21.58 -4.73
N ARG A 36 -2.99 -22.00 -3.51
CA ARG A 36 -3.39 -23.37 -3.08
C ARG A 36 -4.52 -23.30 -2.04
N SER A 1 -2.26 1.00 27.06
CA SER A 1 -3.54 1.48 26.45
C SER A 1 -3.33 2.84 25.76
N ASP A 2 -3.98 3.06 24.66
CA ASP A 2 -3.82 4.36 23.93
C ASP A 2 -5.17 4.79 23.31
N LEU A 3 -5.37 6.08 23.15
CA LEU A 3 -6.65 6.58 22.57
C LEU A 3 -6.39 7.81 21.68
N PRO A 4 -5.69 7.58 20.60
CA PRO A 4 -5.35 8.66 19.64
C PRO A 4 -6.46 8.78 18.57
N ALA A 5 -6.12 9.23 17.39
CA ALA A 5 -7.16 9.35 16.31
C ALA A 5 -7.76 7.99 15.97
N LEU A 6 -6.97 6.93 16.07
CA LEU A 6 -7.48 5.56 15.74
C LEU A 6 -8.00 5.47 14.30
N SER A 7 -7.49 6.30 13.42
CA SER A 7 -7.96 6.25 12.00
C SER A 7 -6.84 5.74 11.08
N THR A 8 -5.64 6.25 11.25
CA THR A 8 -4.50 5.80 10.40
C THR A 8 -3.47 5.05 11.25
N GLY A 9 -3.91 4.12 12.07
CA GLY A 9 -2.96 3.35 12.92
C GLY A 9 -2.62 2.04 12.22
N LEU A 10 -3.53 1.10 12.22
CA LEU A 10 -3.28 -0.21 11.54
C LEU A 10 -3.67 -0.11 10.07
N LEU A 11 -4.76 0.55 9.77
CA LEU A 11 -5.22 0.69 8.35
C LEU A 11 -4.13 1.38 7.51
N HIS A 12 -3.61 2.48 7.98
CA HIS A 12 -2.55 3.21 7.22
C HIS A 12 -1.31 2.32 7.05
N LEU A 13 -0.94 1.59 8.08
CA LEU A 13 0.25 0.68 7.96
C LEU A 13 0.05 -0.28 6.79
N HIS A 14 -1.14 -0.82 6.65
CA HIS A 14 -1.43 -1.76 5.52
C HIS A 14 -1.38 -0.98 4.19
N GLN A 15 -2.00 0.17 4.15
CA GLN A 15 -1.98 0.99 2.90
C GLN A 15 -0.55 1.40 2.56
N ASN A 16 0.27 1.67 3.56
CA ASN A 16 1.68 2.06 3.32
C ASN A 16 2.43 0.95 2.57
N ILE A 17 2.16 -0.29 2.91
CA ILE A 17 2.86 -1.42 2.22
C ILE A 17 2.11 -1.80 0.93
N VAL A 18 0.81 -1.74 0.94
CA VAL A 18 0.02 -2.10 -0.28
C VAL A 18 0.19 -1.02 -1.37
N ASP A 19 0.33 0.22 -0.97
CA ASP A 19 0.50 1.31 -1.98
C ASP A 19 1.99 1.54 -2.30
N VAL A 20 2.86 0.62 -1.93
CA VAL A 20 4.31 0.80 -2.24
C VAL A 20 4.82 -0.34 -3.15
N GLN A 21 4.13 -1.45 -3.18
CA GLN A 21 4.56 -2.59 -4.04
C GLN A 21 3.73 -2.63 -5.33
N TYR A 22 2.50 -2.16 -5.29
CA TYR A 22 1.65 -2.16 -6.53
C TYR A 22 2.25 -1.25 -7.61
N MET A 23 3.06 -0.29 -7.23
CA MET A 23 3.68 0.63 -8.24
C MET A 23 5.06 0.10 -8.68
N TYR A 24 5.76 -0.59 -7.81
CA TYR A 24 7.11 -1.12 -8.17
C TYR A 24 7.01 -2.58 -8.67
N GLY A 25 5.99 -2.89 -9.44
CA GLY A 25 5.83 -4.29 -9.95
C GLY A 25 6.69 -4.50 -11.21
N LEU A 26 6.97 -3.45 -11.95
CA LEU A 26 7.79 -3.60 -13.19
C LEU A 26 9.26 -3.25 -12.89
N SER A 27 9.79 -3.69 -11.78
CA SER A 27 11.21 -3.37 -11.44
C SER A 27 12.16 -4.04 -12.45
N PRO A 28 12.01 -5.34 -12.64
CA PRO A 28 12.88 -6.06 -13.61
C PRO A 28 12.35 -5.87 -15.04
N ALA A 29 12.13 -4.65 -15.45
CA ALA A 29 11.62 -4.39 -16.83
C ALA A 29 12.08 -3.01 -17.30
N ILE A 30 11.70 -1.98 -16.58
CA ILE A 30 12.13 -0.59 -16.98
C ILE A 30 13.64 -0.44 -16.78
N THR A 31 14.17 -1.05 -15.76
CA THR A 31 15.65 -0.96 -15.51
C THR A 31 16.41 -1.75 -16.58
N LYS A 32 15.96 -2.94 -16.89
CA LYS A 32 16.65 -3.77 -17.94
C LYS A 32 16.62 -3.05 -19.29
N TYR A 33 15.59 -2.28 -19.54
CA TYR A 33 15.50 -1.53 -20.84
C TYR A 33 16.48 -0.35 -20.84
N VAL A 34 16.67 0.29 -19.72
CA VAL A 34 17.62 1.45 -19.65
C VAL A 34 19.08 0.96 -19.62
N VAL A 35 19.32 -0.25 -19.18
CA VAL A 35 20.72 -0.77 -19.13
C VAL A 35 20.96 -1.76 -20.29
N ARG A 36 20.78 -1.31 -21.51
CA ARG A 36 20.98 -2.21 -22.69
C ARG A 36 21.77 -1.48 -23.78
N SER A 1 -14.81 16.45 19.84
CA SER A 1 -14.13 15.25 20.43
C SER A 1 -12.98 14.80 19.54
N ASP A 2 -11.78 14.71 20.07
CA ASP A 2 -10.62 14.28 19.25
C ASP A 2 -9.99 13.00 19.82
N LEU A 3 -10.81 12.14 20.40
CA LEU A 3 -10.28 10.86 20.97
C LEU A 3 -10.05 9.81 19.88
N PRO A 4 -11.05 9.58 19.05
CA PRO A 4 -10.92 8.59 17.96
C PRO A 4 -10.19 9.20 16.75
N ALA A 5 -9.03 9.75 16.96
CA ALA A 5 -8.25 10.35 15.83
C ALA A 5 -7.14 9.41 15.37
N LEU A 6 -6.44 8.80 16.31
CA LEU A 6 -5.33 7.86 15.94
C LEU A 6 -5.84 6.41 15.95
N SER A 7 -7.07 6.19 15.53
CA SER A 7 -7.62 4.79 15.50
C SER A 7 -7.43 4.16 14.11
N THR A 8 -6.65 4.78 13.25
CA THR A 8 -6.41 4.21 11.90
C THR A 8 -4.92 3.86 11.72
N GLY A 9 -4.21 3.60 12.79
CA GLY A 9 -2.76 3.27 12.68
C GLY A 9 -2.57 1.97 11.90
N LEU A 10 -3.27 0.93 12.27
CA LEU A 10 -3.12 -0.38 11.54
C LEU A 10 -3.61 -0.23 10.09
N LEU A 11 -4.75 0.40 9.88
CA LEU A 11 -5.27 0.58 8.49
C LEU A 11 -4.27 1.41 7.66
N HIS A 12 -3.76 2.49 8.22
CA HIS A 12 -2.78 3.33 7.48
C HIS A 12 -1.51 2.52 7.20
N LEU A 13 -1.08 1.70 8.15
CA LEU A 13 0.14 0.87 7.93
C LEU A 13 -0.06 -0.05 6.72
N HIS A 14 -1.23 -0.63 6.60
CA HIS A 14 -1.51 -1.54 5.44
C HIS A 14 -1.41 -0.74 4.13
N GLN A 15 -2.09 0.38 4.05
CA GLN A 15 -2.04 1.22 2.81
C GLN A 15 -0.58 1.61 2.49
N ASN A 16 0.21 1.86 3.51
CA ASN A 16 1.64 2.25 3.28
C ASN A 16 2.41 1.09 2.63
N ILE A 17 2.10 -0.14 2.99
CA ILE A 17 2.84 -1.30 2.40
C ILE A 17 2.16 -1.76 1.10
N VAL A 18 0.86 -1.62 1.00
CA VAL A 18 0.15 -2.06 -0.24
C VAL A 18 0.46 -1.09 -1.40
N ASP A 19 0.46 0.19 -1.13
CA ASP A 19 0.77 1.20 -2.21
C ASP A 19 2.21 1.01 -2.72
N VAL A 20 3.08 0.46 -1.92
CA VAL A 20 4.50 0.24 -2.34
C VAL A 20 4.55 -0.66 -3.59
N GLN A 21 3.74 -1.68 -3.62
CA GLN A 21 3.74 -2.59 -4.80
C GLN A 21 3.28 -1.86 -6.07
N TYR A 22 2.58 -0.76 -5.93
CA TYR A 22 2.12 0.01 -7.13
C TYR A 22 3.14 1.09 -7.48
N MET A 23 3.55 1.87 -6.50
CA MET A 23 4.56 2.94 -6.76
C MET A 23 5.95 2.33 -7.00
N TYR A 24 6.28 1.30 -6.25
CA TYR A 24 7.62 0.64 -6.42
C TYR A 24 7.45 -0.66 -7.22
N GLY A 25 6.74 -0.61 -8.32
CA GLY A 25 6.53 -1.83 -9.14
C GLY A 25 5.67 -1.50 -10.36
N LEU A 26 4.54 -0.87 -10.16
CA LEU A 26 3.65 -0.51 -11.31
C LEU A 26 3.91 0.91 -11.80
N SER A 27 5.08 1.45 -11.55
CA SER A 27 5.39 2.85 -12.02
C SER A 27 5.35 2.94 -13.56
N PRO A 28 6.02 2.04 -14.23
CA PRO A 28 6.05 2.06 -15.72
C PRO A 28 4.70 1.60 -16.31
N ALA A 29 3.81 1.09 -15.49
CA ALA A 29 2.49 0.63 -16.01
C ALA A 29 1.42 1.69 -15.73
N ILE A 30 1.35 2.19 -14.53
CA ILE A 30 0.32 3.23 -14.19
C ILE A 30 0.52 4.51 -15.03
N THR A 31 1.72 4.76 -15.49
CA THR A 31 1.97 5.98 -16.32
C THR A 31 1.26 5.86 -17.69
N LYS A 32 1.10 4.65 -18.18
CA LYS A 32 0.40 4.47 -19.49
C LYS A 32 -0.97 3.80 -19.28
N TYR A 33 -1.51 3.88 -18.09
CA TYR A 33 -2.85 3.25 -17.82
C TYR A 33 -3.85 4.31 -17.33
N VAL A 34 -3.44 5.15 -16.41
CA VAL A 34 -4.37 6.21 -15.90
C VAL A 34 -4.72 7.20 -17.03
N VAL A 35 -3.82 7.42 -17.95
CA VAL A 35 -4.10 8.35 -19.07
C VAL A 35 -4.58 7.55 -20.30
N ARG A 36 -5.61 6.75 -20.11
CA ARG A 36 -6.16 5.92 -21.23
C ARG A 36 -5.09 4.93 -21.74
N SER A 1 -13.99 3.05 4.62
CA SER A 1 -14.21 4.42 4.07
C SER A 1 -14.22 5.45 5.21
N ASP A 2 -13.11 5.58 5.91
CA ASP A 2 -13.04 6.54 7.05
C ASP A 2 -11.71 7.29 7.03
N LEU A 3 -11.63 8.38 7.75
CA LEU A 3 -10.36 9.17 7.79
C LEU A 3 -10.21 9.87 9.16
N PRO A 4 -10.18 9.07 10.20
CA PRO A 4 -10.04 9.59 11.58
C PRO A 4 -8.54 9.73 11.94
N ALA A 5 -8.21 9.62 13.21
CA ALA A 5 -6.78 9.74 13.62
C ALA A 5 -6.39 8.56 14.55
N LEU A 6 -7.13 8.36 15.60
CA LEU A 6 -6.82 7.24 16.54
C LEU A 6 -7.03 5.88 15.86
N SER A 7 -8.01 5.78 14.99
CA SER A 7 -8.26 4.49 14.29
C SER A 7 -7.49 4.43 12.95
N THR A 8 -6.48 5.26 12.78
CA THR A 8 -5.70 5.24 11.51
C THR A 8 -4.26 4.80 11.80
N GLY A 9 -4.09 3.73 12.54
CA GLY A 9 -2.73 3.23 12.86
C GLY A 9 -2.44 2.01 11.98
N LEU A 10 -3.00 0.87 12.33
CA LEU A 10 -2.78 -0.36 11.52
C LEU A 10 -3.36 -0.18 10.12
N LEU A 11 -4.53 0.42 10.03
CA LEU A 11 -5.17 0.64 8.68
C LEU A 11 -4.23 1.48 7.79
N HIS A 12 -3.68 2.54 8.32
CA HIS A 12 -2.75 3.39 7.52
C HIS A 12 -1.52 2.57 7.12
N LEU A 13 -1.02 1.75 8.01
CA LEU A 13 0.17 0.90 7.69
C LEU A 13 -0.14 -0.04 6.52
N HIS A 14 -1.33 -0.60 6.50
CA HIS A 14 -1.71 -1.53 5.39
C HIS A 14 -1.66 -0.78 4.05
N GLN A 15 -2.33 0.33 3.95
CA GLN A 15 -2.33 1.11 2.67
C GLN A 15 -0.88 1.47 2.27
N ASN A 16 -0.04 1.77 3.24
CA ASN A 16 1.37 2.10 2.92
C ASN A 16 2.08 0.88 2.30
N ILE A 17 1.95 -0.27 2.91
CA ILE A 17 2.61 -1.50 2.36
C ILE A 17 1.96 -1.92 1.04
N VAL A 18 0.67 -1.76 0.92
CA VAL A 18 -0.03 -2.16 -0.35
C VAL A 18 0.24 -1.11 -1.45
N ASP A 19 0.63 0.08 -1.07
CA ASP A 19 0.91 1.13 -2.09
C ASP A 19 2.43 1.40 -2.20
N VAL A 20 3.26 0.47 -1.79
CA VAL A 20 4.74 0.69 -1.89
C VAL A 20 5.38 -0.36 -2.81
N GLN A 21 4.86 -1.56 -2.84
CA GLN A 21 5.44 -2.62 -3.72
C GLN A 21 4.80 -2.56 -5.11
N TYR A 22 3.53 -2.23 -5.18
CA TYR A 22 2.84 -2.14 -6.51
C TYR A 22 3.49 -1.04 -7.38
N MET A 23 4.05 -0.02 -6.76
CA MET A 23 4.69 1.08 -7.54
C MET A 23 6.19 0.77 -7.79
N TYR A 24 6.69 -0.35 -7.31
CA TYR A 24 8.12 -0.69 -7.53
C TYR A 24 8.27 -1.82 -8.55
N GLY A 25 7.28 -2.02 -9.40
CA GLY A 25 7.38 -3.11 -10.42
C GLY A 25 7.32 -2.50 -11.83
N LEU A 26 7.45 -1.20 -11.96
CA LEU A 26 7.40 -0.55 -13.30
C LEU A 26 8.46 0.56 -13.37
N SER A 27 9.72 0.20 -13.33
CA SER A 27 10.81 1.23 -13.39
C SER A 27 10.71 2.09 -14.66
N PRO A 28 10.65 1.45 -15.81
CA PRO A 28 10.56 2.19 -17.10
C PRO A 28 9.19 2.86 -17.28
N ALA A 29 8.22 2.51 -16.47
CA ALA A 29 6.87 3.13 -16.59
C ALA A 29 6.72 4.28 -15.57
N ILE A 30 7.20 4.08 -14.37
CA ILE A 30 7.08 5.15 -13.32
C ILE A 30 8.00 6.34 -13.65
N THR A 31 9.06 6.10 -14.39
CA THR A 31 10.00 7.21 -14.75
C THR A 31 9.29 8.25 -15.62
N LYS A 32 8.50 7.80 -16.57
CA LYS A 32 7.76 8.74 -17.45
C LYS A 32 6.36 9.01 -16.88
N TYR A 33 6.19 8.87 -15.58
CA TYR A 33 4.87 9.11 -14.95
C TYR A 33 4.98 10.17 -13.84
N VAL A 34 5.95 10.03 -12.98
CA VAL A 34 6.13 11.02 -11.87
C VAL A 34 6.88 12.25 -12.38
N VAL A 35 6.18 13.33 -12.62
CA VAL A 35 6.85 14.58 -13.14
C VAL A 35 6.39 15.81 -12.34
N ARG A 36 5.88 15.61 -11.14
CA ARG A 36 5.42 16.77 -10.32
C ARG A 36 5.51 16.43 -8.82
N SER A 1 -3.21 16.48 21.83
CA SER A 1 -3.12 15.11 21.26
C SER A 1 -4.50 14.61 20.81
N ASP A 2 -4.54 13.74 19.83
CA ASP A 2 -5.86 13.21 19.34
C ASP A 2 -5.74 11.74 18.95
N LEU A 3 -6.69 10.93 19.36
CA LEU A 3 -6.65 9.48 19.01
C LEU A 3 -7.43 9.21 17.71
N PRO A 4 -8.70 9.58 17.69
CA PRO A 4 -9.53 9.36 16.49
C PRO A 4 -9.33 10.53 15.50
N ALA A 5 -8.11 10.73 15.04
CA ALA A 5 -7.84 11.85 14.09
C ALA A 5 -8.15 11.42 12.65
N LEU A 6 -7.57 10.34 12.19
CA LEU A 6 -7.82 9.87 10.79
C LEU A 6 -7.66 8.34 10.67
N SER A 7 -7.80 7.61 11.76
CA SER A 7 -7.67 6.11 11.71
C SER A 7 -6.42 5.70 10.92
N THR A 8 -5.29 6.30 11.19
CA THR A 8 -4.04 5.95 10.46
C THR A 8 -3.13 5.06 11.31
N GLY A 9 -3.71 4.17 12.08
CA GLY A 9 -2.89 3.26 12.93
C GLY A 9 -2.64 1.96 12.15
N LEU A 10 -3.55 1.02 12.23
CA LEU A 10 -3.37 -0.26 11.49
C LEU A 10 -3.81 -0.08 10.03
N LEU A 11 -4.77 0.77 9.77
CA LEU A 11 -5.23 1.00 8.37
C LEU A 11 -4.08 1.55 7.52
N HIS A 12 -3.42 2.59 7.98
CA HIS A 12 -2.29 3.17 7.20
C HIS A 12 -1.14 2.15 7.10
N LEU A 13 -0.90 1.40 8.15
CA LEU A 13 0.21 0.38 8.12
C LEU A 13 0.02 -0.56 6.93
N HIS A 14 -1.20 -0.94 6.64
CA HIS A 14 -1.46 -1.85 5.48
C HIS A 14 -1.40 -1.06 4.17
N GLN A 15 -2.12 0.03 4.09
CA GLN A 15 -2.12 0.85 2.84
C GLN A 15 -0.70 1.34 2.51
N ASN A 16 0.01 1.85 3.49
CA ASN A 16 1.40 2.33 3.24
C ASN A 16 2.27 1.23 2.61
N ILE A 17 2.02 -0.01 2.95
CA ILE A 17 2.83 -1.13 2.36
C ILE A 17 2.22 -1.56 1.02
N VAL A 18 0.92 -1.73 0.97
CA VAL A 18 0.26 -2.17 -0.29
C VAL A 18 0.43 -1.09 -1.39
N ASP A 19 0.36 0.16 -1.02
CA ASP A 19 0.53 1.26 -2.02
C ASP A 19 1.98 1.37 -2.52
N VAL A 20 2.91 0.71 -1.87
CA VAL A 20 4.34 0.79 -2.33
C VAL A 20 4.71 -0.50 -3.07
N GLN A 21 3.84 -1.48 -3.10
CA GLN A 21 4.15 -2.75 -3.82
C GLN A 21 3.43 -2.77 -5.18
N TYR A 22 2.22 -2.26 -5.24
CA TYR A 22 1.48 -2.23 -6.54
C TYR A 22 2.20 -1.31 -7.55
N MET A 23 2.89 -0.31 -7.06
CA MET A 23 3.61 0.63 -7.97
C MET A 23 5.05 0.17 -8.20
N TYR A 24 5.66 -0.44 -7.19
CA TYR A 24 7.07 -0.91 -7.34
C TYR A 24 7.10 -2.44 -7.50
N GLY A 25 6.32 -2.95 -8.42
CA GLY A 25 6.28 -4.43 -8.64
C GLY A 25 4.99 -4.80 -9.38
N LEU A 26 3.89 -4.18 -9.02
CA LEU A 26 2.57 -4.47 -9.69
C LEU A 26 2.12 -5.92 -9.42
N SER A 27 2.50 -6.46 -8.29
CA SER A 27 2.09 -7.87 -7.95
C SER A 27 0.56 -7.97 -7.79
N PRO A 28 0.00 -7.09 -6.97
CA PRO A 28 -1.48 -7.09 -6.76
C PRO A 28 -2.23 -6.54 -7.98
N ALA A 29 -1.53 -5.99 -8.94
CA ALA A 29 -2.20 -5.42 -10.15
C ALA A 29 -2.13 -6.43 -11.31
N ILE A 30 -0.98 -7.01 -11.54
CA ILE A 30 -0.83 -8.00 -12.65
C ILE A 30 -1.75 -9.22 -12.41
N THR A 31 -1.99 -9.55 -11.17
CA THR A 31 -2.90 -10.70 -10.86
C THR A 31 -4.34 -10.40 -11.29
N LYS A 32 -4.71 -9.14 -11.27
CA LYS A 32 -6.10 -8.75 -11.68
C LYS A 32 -6.09 -8.19 -13.13
N TYR A 33 -5.05 -8.47 -13.87
CA TYR A 33 -4.98 -7.96 -15.28
C TYR A 33 -5.17 -9.12 -16.26
N VAL A 34 -4.69 -10.28 -15.92
CA VAL A 34 -4.85 -11.46 -16.83
C VAL A 34 -6.20 -12.15 -16.56
N VAL A 35 -6.70 -12.91 -17.50
CA VAL A 35 -8.02 -13.61 -17.32
C VAL A 35 -9.13 -12.56 -17.09
N ARG A 36 -9.28 -11.64 -18.03
CA ARG A 36 -10.33 -10.59 -17.90
C ARG A 36 -10.12 -9.76 -16.61
N SER A 1 -14.62 18.65 21.16
CA SER A 1 -14.30 18.09 19.81
C SER A 1 -14.05 16.57 19.92
N ASP A 2 -14.76 15.80 19.15
CA ASP A 2 -14.57 14.32 19.21
C ASP A 2 -14.12 13.79 17.84
N LEU A 3 -14.16 12.49 17.63
CA LEU A 3 -13.74 11.91 16.32
C LEU A 3 -12.34 12.43 15.91
N PRO A 4 -11.35 11.96 16.62
CA PRO A 4 -9.96 12.37 16.35
C PRO A 4 -9.31 11.43 15.32
N ALA A 5 -8.01 11.36 15.29
CA ALA A 5 -7.32 10.45 14.32
C ALA A 5 -6.85 9.18 15.03
N LEU A 6 -7.70 8.57 15.81
CA LEU A 6 -7.32 7.32 16.54
C LEU A 6 -7.95 6.09 15.86
N SER A 7 -8.55 6.25 14.71
CA SER A 7 -9.18 5.09 14.01
C SER A 7 -8.34 4.71 12.77
N THR A 8 -7.04 4.75 12.88
CA THR A 8 -6.17 4.40 11.71
C THR A 8 -5.11 3.37 12.15
N GLY A 9 -3.92 3.82 12.50
CA GLY A 9 -2.84 2.87 12.93
C GLY A 9 -2.61 1.81 11.85
N LEU A 10 -3.10 0.62 12.06
CA LEU A 10 -2.92 -0.47 11.05
C LEU A 10 -3.60 -0.09 9.72
N LEU A 11 -4.69 0.66 9.78
CA LEU A 11 -5.40 1.07 8.53
C LEU A 11 -4.42 1.81 7.59
N HIS A 12 -3.57 2.64 8.14
CA HIS A 12 -2.59 3.37 7.28
C HIS A 12 -1.35 2.50 7.04
N LEU A 13 -0.90 1.80 8.06
CA LEU A 13 0.30 0.91 7.89
C LEU A 13 0.05 -0.10 6.78
N HIS A 14 -1.13 -0.68 6.74
CA HIS A 14 -1.45 -1.67 5.66
C HIS A 14 -1.45 -0.99 4.30
N GLN A 15 -2.15 0.11 4.17
CA GLN A 15 -2.18 0.84 2.85
C GLN A 15 -0.78 1.33 2.49
N ASN A 16 0.00 1.73 3.47
CA ASN A 16 1.39 2.20 3.20
C ASN A 16 2.19 1.10 2.48
N ILE A 17 2.06 -0.11 2.93
CA ILE A 17 2.80 -1.25 2.27
C ILE A 17 2.05 -1.70 1.01
N VAL A 18 0.74 -1.68 1.06
CA VAL A 18 -0.07 -2.10 -0.13
C VAL A 18 0.10 -1.12 -1.30
N ASP A 19 0.51 0.09 -1.02
CA ASP A 19 0.69 1.08 -2.12
C ASP A 19 2.19 1.32 -2.42
N VAL A 20 3.07 0.52 -1.85
CA VAL A 20 4.52 0.70 -2.13
C VAL A 20 5.09 -0.51 -2.90
N GLN A 21 4.49 -1.67 -2.74
CA GLN A 21 4.98 -2.88 -3.45
C GLN A 21 4.33 -2.98 -4.83
N TYR A 22 3.06 -2.68 -4.92
CA TYR A 22 2.35 -2.74 -6.24
C TYR A 22 3.01 -1.78 -7.25
N MET A 23 3.61 -0.72 -6.78
CA MET A 23 4.26 0.26 -7.70
C MET A 23 5.77 -0.03 -7.84
N TYR A 24 6.39 -0.61 -6.84
CA TYR A 24 7.86 -0.90 -6.92
C TYR A 24 8.09 -2.42 -7.03
N GLY A 25 7.44 -3.07 -7.95
CA GLY A 25 7.62 -4.55 -8.11
C GLY A 25 6.31 -5.21 -8.56
N LEU A 26 5.19 -4.57 -8.31
CA LEU A 26 3.86 -5.16 -8.70
C LEU A 26 3.66 -6.54 -8.06
N SER A 27 4.04 -6.69 -6.82
CA SER A 27 3.87 -8.01 -6.12
C SER A 27 2.37 -8.37 -6.07
N PRO A 28 1.56 -7.46 -5.57
CA PRO A 28 0.10 -7.71 -5.50
C PRO A 28 -0.56 -7.44 -6.86
N ALA A 29 0.04 -7.90 -7.93
CA ALA A 29 -0.54 -7.68 -9.29
C ALA A 29 -0.47 -9.00 -10.08
N ILE A 30 0.70 -9.56 -10.20
CA ILE A 30 0.84 -10.86 -10.94
C ILE A 30 0.15 -11.98 -10.15
N THR A 31 0.33 -11.99 -8.85
CA THR A 31 -0.33 -13.03 -8.01
C THR A 31 -1.86 -12.83 -8.00
N LYS A 32 -2.31 -11.61 -8.22
CA LYS A 32 -3.78 -11.34 -8.26
C LYS A 32 -4.36 -11.78 -9.60
N TYR A 33 -3.58 -11.66 -10.65
CA TYR A 33 -4.06 -12.07 -12.01
C TYR A 33 -4.27 -13.59 -12.05
N VAL A 34 -3.52 -14.33 -11.27
CA VAL A 34 -3.69 -15.82 -11.25
C VAL A 34 -5.10 -16.19 -10.78
N VAL A 35 -5.73 -15.35 -9.99
CA VAL A 35 -7.11 -15.65 -9.51
C VAL A 35 -8.12 -14.66 -10.12
N ARG A 36 -7.77 -14.02 -11.21
CA ARG A 36 -8.72 -13.05 -11.84
C ARG A 36 -8.43 -12.93 -13.34
N SER A 1 -1.42 3.19 25.59
CA SER A 1 -1.63 3.41 24.12
C SER A 1 -2.06 4.86 23.85
N ASP A 2 -2.06 5.27 22.60
CA ASP A 2 -2.46 6.66 22.27
C ASP A 2 -3.81 6.67 21.51
N LEU A 3 -4.74 5.86 21.97
CA LEU A 3 -6.09 5.79 21.30
C LEU A 3 -5.94 5.62 19.79
N PRO A 4 -5.39 4.50 19.39
CA PRO A 4 -5.18 4.19 17.97
C PRO A 4 -6.40 3.43 17.40
N ALA A 5 -6.23 2.76 16.29
CA ALA A 5 -7.34 1.97 15.66
C ALA A 5 -8.47 2.90 15.15
N LEU A 6 -8.34 4.19 15.28
CA LEU A 6 -9.42 5.12 14.80
C LEU A 6 -8.82 6.31 14.02
N SER A 7 -7.52 6.33 13.84
CA SER A 7 -6.87 7.45 13.09
C SER A 7 -5.67 6.91 12.31
N THR A 8 -5.93 6.26 11.20
CA THR A 8 -4.83 5.68 10.35
C THR A 8 -3.73 5.05 11.23
N GLY A 9 -4.10 4.21 12.16
CA GLY A 9 -3.09 3.55 13.04
C GLY A 9 -2.63 2.26 12.37
N LEU A 10 -3.44 1.23 12.42
CA LEU A 10 -3.07 -0.06 11.76
C LEU A 10 -3.57 -0.09 10.32
N LEU A 11 -4.61 0.67 10.01
CA LEU A 11 -5.14 0.70 8.61
C LEU A 11 -4.11 1.37 7.68
N HIS A 12 -3.51 2.45 8.12
CA HIS A 12 -2.49 3.14 7.28
C HIS A 12 -1.29 2.21 7.03
N LEU A 13 -0.91 1.43 8.02
CA LEU A 13 0.23 0.49 7.84
C LEU A 13 -0.04 -0.46 6.66
N HIS A 14 -1.26 -0.95 6.55
CA HIS A 14 -1.61 -1.85 5.41
C HIS A 14 -1.54 -1.07 4.09
N GLN A 15 -2.23 0.04 4.01
CA GLN A 15 -2.20 0.87 2.76
C GLN A 15 -0.77 1.30 2.44
N ASN A 16 0.00 1.63 3.45
CA ASN A 16 1.42 2.05 3.23
C ASN A 16 2.21 0.94 2.52
N ILE A 17 2.03 -0.29 2.93
CA ILE A 17 2.76 -1.42 2.29
C ILE A 17 2.10 -1.80 0.96
N VAL A 18 0.81 -1.63 0.85
CA VAL A 18 0.10 -1.98 -0.43
C VAL A 18 0.33 -0.87 -1.47
N ASP A 19 0.56 0.34 -1.03
CA ASP A 19 0.79 1.45 -2.00
C ASP A 19 2.29 1.62 -2.30
N VAL A 20 3.09 0.62 -2.01
CA VAL A 20 4.56 0.72 -2.30
C VAL A 20 4.97 -0.36 -3.32
N GLN A 21 4.33 -1.51 -3.29
CA GLN A 21 4.69 -2.59 -4.25
C GLN A 21 3.87 -2.46 -5.54
N TYR A 22 2.66 -1.95 -5.45
CA TYR A 22 1.82 -1.79 -6.69
C TYR A 22 2.52 -0.85 -7.70
N MET A 23 3.33 0.06 -7.21
CA MET A 23 4.06 1.00 -8.13
C MET A 23 5.23 0.27 -8.80
N TYR A 24 5.75 -0.76 -8.17
CA TYR A 24 6.90 -1.52 -8.76
C TYR A 24 6.44 -2.92 -9.21
N GLY A 25 5.21 -3.04 -9.64
CA GLY A 25 4.69 -4.37 -10.10
C GLY A 25 3.20 -4.25 -10.42
N LEU A 26 2.87 -3.56 -11.49
CA LEU A 26 1.43 -3.40 -11.88
C LEU A 26 1.07 -4.29 -13.08
N SER A 27 1.93 -5.20 -13.45
CA SER A 27 1.64 -6.11 -14.61
C SER A 27 0.32 -6.85 -14.38
N PRO A 28 0.20 -7.50 -13.24
CA PRO A 28 -1.05 -8.24 -12.93
C PRO A 28 -2.20 -7.27 -12.66
N ALA A 29 -1.89 -6.09 -12.20
CA ALA A 29 -2.96 -5.07 -11.92
C ALA A 29 -3.56 -4.59 -13.25
N ILE A 30 -2.74 -4.42 -14.27
CA ILE A 30 -3.28 -3.95 -15.59
C ILE A 30 -3.79 -5.15 -16.42
N THR A 31 -3.22 -6.31 -16.22
CA THR A 31 -3.68 -7.51 -17.00
C THR A 31 -5.01 -8.02 -16.44
N LYS A 32 -5.20 -7.95 -15.14
CA LYS A 32 -6.50 -8.43 -14.54
C LYS A 32 -7.51 -7.27 -14.49
N TYR A 33 -7.34 -6.26 -15.29
CA TYR A 33 -8.28 -5.10 -15.28
C TYR A 33 -9.07 -5.06 -16.60
N VAL A 34 -8.39 -5.16 -17.71
CA VAL A 34 -9.08 -5.14 -19.03
C VAL A 34 -9.60 -6.55 -19.37
N VAL A 35 -8.74 -7.55 -19.30
CA VAL A 35 -9.15 -8.95 -19.62
C VAL A 35 -9.84 -9.01 -20.99
N ARG A 36 -9.28 -8.33 -21.99
CA ARG A 36 -9.85 -8.32 -23.38
C ARG A 36 -11.39 -8.37 -23.38
N SER A 1 -2.54 8.26 24.92
CA SER A 1 -3.85 8.35 24.21
C SER A 1 -3.88 9.60 23.33
N ASP A 2 -4.25 9.47 22.09
CA ASP A 2 -4.29 10.64 21.16
C ASP A 2 -5.39 10.46 20.12
N LEU A 3 -5.76 11.53 19.45
CA LEU A 3 -6.83 11.43 18.40
C LEU A 3 -6.38 10.51 17.26
N PRO A 4 -5.20 10.78 16.72
CA PRO A 4 -4.67 9.94 15.60
C PRO A 4 -4.12 8.61 16.15
N ALA A 5 -4.93 7.86 16.86
CA ALA A 5 -4.47 6.55 17.42
C ALA A 5 -5.68 5.64 17.68
N LEU A 6 -6.61 5.60 16.77
CA LEU A 6 -7.83 4.74 16.95
C LEU A 6 -8.08 3.91 15.68
N SER A 7 -8.25 4.54 14.55
CA SER A 7 -8.51 3.78 13.29
C SER A 7 -7.59 4.27 12.15
N THR A 8 -6.52 4.95 12.47
CA THR A 8 -5.59 5.43 11.39
C THR A 8 -4.17 4.90 11.64
N GLY A 9 -4.04 3.82 12.39
CA GLY A 9 -2.68 3.25 12.66
C GLY A 9 -2.50 2.00 11.81
N LEU A 10 -3.09 0.91 12.19
CA LEU A 10 -2.96 -0.36 11.40
C LEU A 10 -3.53 -0.15 9.99
N LEU A 11 -4.65 0.54 9.88
CA LEU A 11 -5.25 0.77 8.53
C LEU A 11 -4.25 1.52 7.64
N HIS A 12 -3.63 2.56 8.15
CA HIS A 12 -2.63 3.33 7.35
C HIS A 12 -1.40 2.44 7.06
N LEU A 13 -1.01 1.64 8.02
CA LEU A 13 0.17 0.74 7.82
C LEU A 13 -0.10 -0.21 6.65
N HIS A 14 -1.31 -0.72 6.56
CA HIS A 14 -1.66 -1.65 5.43
C HIS A 14 -1.54 -0.89 4.10
N GLN A 15 -2.16 0.25 3.99
CA GLN A 15 -2.08 1.05 2.73
C GLN A 15 -0.62 1.45 2.45
N ASN A 16 0.12 1.76 3.50
CA ASN A 16 1.55 2.15 3.32
C ASN A 16 2.35 1.02 2.66
N ILE A 17 2.03 -0.22 2.98
CA ILE A 17 2.77 -1.38 2.37
C ILE A 17 2.11 -1.79 1.04
N VAL A 18 0.81 -1.80 0.99
CA VAL A 18 0.10 -2.19 -0.27
C VAL A 18 0.30 -1.13 -1.35
N ASP A 19 0.39 0.12 -0.98
CA ASP A 19 0.60 1.20 -2.00
C ASP A 19 2.09 1.45 -2.26
N VAL A 20 2.96 0.55 -1.84
CA VAL A 20 4.42 0.75 -2.09
C VAL A 20 4.99 -0.40 -2.93
N GLN A 21 4.35 -1.55 -2.91
CA GLN A 21 4.85 -2.71 -3.70
C GLN A 21 4.05 -2.88 -5.00
N TYR A 22 2.79 -2.48 -4.99
CA TYR A 22 1.96 -2.60 -6.23
C TYR A 22 2.57 -1.76 -7.37
N MET A 23 3.27 -0.70 -7.04
CA MET A 23 3.89 0.15 -8.09
C MET A 23 5.28 -0.40 -8.47
N TYR A 24 5.82 -1.30 -7.69
CA TYR A 24 7.18 -1.86 -8.01
C TYR A 24 7.08 -3.36 -8.33
N GLY A 25 5.95 -3.83 -8.80
CA GLY A 25 5.81 -5.28 -9.12
C GLY A 25 4.43 -5.58 -9.70
N LEU A 26 3.39 -5.51 -8.88
CA LEU A 26 2.00 -5.80 -9.36
C LEU A 26 1.92 -7.21 -9.99
N SER A 27 2.75 -8.13 -9.55
CA SER A 27 2.72 -9.52 -10.12
C SER A 27 1.42 -10.26 -9.75
N PRO A 28 1.08 -10.25 -8.47
CA PRO A 28 -0.17 -10.94 -8.03
C PRO A 28 -1.42 -10.19 -8.50
N ALA A 29 -1.29 -8.92 -8.82
CA ALA A 29 -2.47 -8.13 -9.28
C ALA A 29 -2.80 -8.46 -10.74
N ILE A 30 -1.79 -8.55 -11.59
CA ILE A 30 -2.06 -8.87 -13.03
C ILE A 30 -2.48 -10.34 -13.20
N THR A 31 -2.02 -11.21 -12.34
CA THR A 31 -2.40 -12.66 -12.44
C THR A 31 -3.83 -12.87 -11.93
N LYS A 32 -4.23 -12.14 -10.91
CA LYS A 32 -5.61 -12.29 -10.37
C LYS A 32 -6.60 -11.39 -11.14
N TYR A 33 -6.19 -10.83 -12.25
CA TYR A 33 -7.10 -9.95 -13.04
C TYR A 33 -7.44 -10.61 -14.39
N VAL A 34 -6.49 -11.26 -15.02
CA VAL A 34 -6.76 -11.92 -16.34
C VAL A 34 -7.13 -13.39 -16.11
N VAL A 35 -8.41 -13.68 -16.00
CA VAL A 35 -8.84 -15.10 -15.78
C VAL A 35 -9.94 -15.48 -16.79
N ARG A 36 -10.01 -14.78 -17.91
CA ARG A 36 -11.06 -15.10 -18.93
C ARG A 36 -10.52 -16.14 -19.92
N SER A 1 -13.82 0.02 22.79
CA SER A 1 -12.56 0.81 22.73
C SER A 1 -11.96 0.74 21.31
N ASP A 2 -11.54 1.87 20.78
CA ASP A 2 -10.96 1.89 19.41
C ASP A 2 -9.45 1.64 19.47
N LEU A 3 -9.07 0.39 19.57
CA LEU A 3 -7.62 0.04 19.64
C LEU A 3 -6.98 0.09 18.23
N PRO A 4 -7.55 -0.64 17.30
CA PRO A 4 -7.01 -0.64 15.91
C PRO A 4 -7.32 0.69 15.21
N ALA A 5 -8.40 1.32 15.57
CA ALA A 5 -8.75 2.64 14.95
C ALA A 5 -8.51 3.78 15.95
N LEU A 6 -7.50 3.65 16.77
CA LEU A 6 -7.21 4.72 17.78
C LEU A 6 -6.64 5.98 17.09
N SER A 7 -5.65 5.81 16.26
CA SER A 7 -5.04 7.00 15.57
C SER A 7 -4.74 6.68 14.10
N THR A 8 -5.54 5.83 13.47
CA THR A 8 -5.31 5.47 12.03
C THR A 8 -3.86 4.98 11.84
N GLY A 9 -3.48 3.94 12.55
CA GLY A 9 -2.09 3.41 12.42
C GLY A 9 -2.10 2.09 11.66
N LEU A 10 -2.75 1.08 12.21
CA LEU A 10 -2.80 -0.25 11.53
C LEU A 10 -3.49 -0.12 10.16
N LEU A 11 -4.61 0.55 10.11
CA LEU A 11 -5.34 0.74 8.80
C LEU A 11 -4.41 1.44 7.81
N HIS A 12 -3.74 2.49 8.25
CA HIS A 12 -2.81 3.22 7.34
C HIS A 12 -1.60 2.33 7.00
N LEU A 13 -1.20 1.50 7.94
CA LEU A 13 -0.03 0.59 7.68
C LEU A 13 -0.32 -0.33 6.50
N HIS A 14 -1.51 -0.89 6.45
CA HIS A 14 -1.86 -1.79 5.31
C HIS A 14 -1.79 -1.01 4.00
N GLN A 15 -2.52 0.08 3.90
CA GLN A 15 -2.49 0.90 2.65
C GLN A 15 -1.07 1.37 2.35
N ASN A 16 -0.32 1.72 3.37
CA ASN A 16 1.09 2.18 3.16
C ASN A 16 1.94 1.06 2.55
N ILE A 17 1.83 -0.14 3.07
CA ILE A 17 2.63 -1.28 2.51
C ILE A 17 2.05 -1.71 1.16
N VAL A 18 0.76 -1.61 0.99
CA VAL A 18 0.12 -2.01 -0.30
C VAL A 18 0.40 -0.95 -1.39
N ASP A 19 0.78 0.25 -1.00
CA ASP A 19 1.08 1.30 -2.02
C ASP A 19 2.60 1.49 -2.18
N VAL A 20 3.40 0.52 -1.78
CA VAL A 20 4.88 0.66 -1.93
C VAL A 20 5.42 -0.40 -2.89
N GLN A 21 4.87 -1.58 -2.88
CA GLN A 21 5.35 -2.66 -3.80
C GLN A 21 4.70 -2.51 -5.18
N TYR A 22 3.46 -2.08 -5.22
CA TYR A 22 2.78 -1.90 -6.54
C TYR A 22 3.46 -0.79 -7.36
N MET A 23 4.13 0.13 -6.71
CA MET A 23 4.83 1.22 -7.44
C MET A 23 6.29 0.83 -7.73
N TYR A 24 6.68 -0.39 -7.44
CA TYR A 24 8.08 -0.83 -7.71
C TYR A 24 8.16 -1.58 -9.05
N GLY A 25 7.46 -1.11 -10.04
CA GLY A 25 7.49 -1.78 -11.38
C GLY A 25 6.80 -3.15 -11.31
N LEU A 26 5.93 -3.34 -10.33
CA LEU A 26 5.21 -4.65 -10.20
C LEU A 26 6.21 -5.81 -10.26
N SER A 27 7.04 -5.95 -9.26
CA SER A 27 8.07 -7.04 -9.24
C SER A 27 7.42 -8.42 -9.48
N PRO A 28 6.36 -8.73 -8.74
CA PRO A 28 5.68 -10.04 -8.90
C PRO A 28 4.94 -10.13 -10.25
N ALA A 29 4.76 -9.02 -10.93
CA ALA A 29 4.05 -9.05 -12.24
C ALA A 29 5.07 -9.06 -13.39
N ILE A 30 6.12 -8.28 -13.29
CA ILE A 30 7.14 -8.25 -14.38
C ILE A 30 7.94 -9.57 -14.43
N THR A 31 7.99 -10.29 -13.35
CA THR A 31 8.75 -11.59 -13.33
C THR A 31 8.09 -12.58 -14.30
N LYS A 32 6.79 -12.71 -14.26
CA LYS A 32 6.08 -13.65 -15.19
C LYS A 32 5.71 -12.93 -16.49
N TYR A 33 6.34 -11.81 -16.78
CA TYR A 33 6.02 -11.05 -18.03
C TYR A 33 7.25 -11.02 -18.95
N VAL A 34 8.43 -10.82 -18.39
CA VAL A 34 9.66 -10.78 -19.24
C VAL A 34 10.28 -12.17 -19.30
N VAL A 35 9.78 -13.03 -20.16
CA VAL A 35 10.34 -14.41 -20.28
C VAL A 35 10.78 -14.70 -21.73
N ARG A 36 10.98 -13.67 -22.52
CA ARG A 36 11.41 -13.88 -23.94
C ARG A 36 12.45 -12.83 -24.36
N SER A 1 3.56 8.42 16.51
CA SER A 1 2.90 7.07 16.60
C SER A 1 1.38 7.21 16.48
N ASP A 2 0.70 6.11 16.26
CA ASP A 2 -0.79 6.16 16.15
C ASP A 2 -1.45 5.61 17.42
N LEU A 3 -0.88 5.89 18.56
CA LEU A 3 -1.47 5.39 19.85
C LEU A 3 -2.72 6.20 20.22
N PRO A 4 -2.58 7.51 20.33
CA PRO A 4 -3.73 8.37 20.67
C PRO A 4 -4.56 8.68 19.40
N ALA A 5 -4.92 7.66 18.66
CA ALA A 5 -5.72 7.87 17.41
C ALA A 5 -6.71 6.71 17.22
N LEU A 6 -6.23 5.49 17.24
CA LEU A 6 -7.13 4.30 17.06
C LEU A 6 -7.96 4.44 15.78
N SER A 7 -7.34 4.87 14.71
CA SER A 7 -8.08 5.04 13.42
C SER A 7 -7.17 4.68 12.24
N THR A 8 -6.01 5.27 12.18
CA THR A 8 -5.06 4.99 11.06
C THR A 8 -3.83 4.23 11.61
N GLY A 9 -4.00 3.46 12.65
CA GLY A 9 -2.84 2.70 13.22
C GLY A 9 -2.43 1.59 12.25
N LEU A 10 -3.22 0.54 12.18
CA LEU A 10 -2.89 -0.58 11.25
C LEU A 10 -3.46 -0.28 9.85
N LEU A 11 -4.58 0.42 9.79
CA LEU A 11 -5.19 0.75 8.47
C LEU A 11 -4.22 1.59 7.63
N HIS A 12 -3.77 2.70 8.15
CA HIS A 12 -2.80 3.56 7.39
C HIS A 12 -1.53 2.76 7.08
N LEU A 13 -1.03 2.02 8.04
CA LEU A 13 0.20 1.21 7.80
C LEU A 13 -0.03 0.22 6.66
N HIS A 14 -1.20 -0.39 6.62
CA HIS A 14 -1.50 -1.37 5.52
C HIS A 14 -1.50 -0.65 4.17
N GLN A 15 -2.18 0.47 4.08
CA GLN A 15 -2.23 1.23 2.78
C GLN A 15 -0.80 1.55 2.30
N ASN A 16 0.07 1.95 3.18
CA ASN A 16 1.48 2.26 2.77
C ASN A 16 2.16 1.01 2.21
N ILE A 17 2.09 -0.09 2.92
CA ILE A 17 2.74 -1.35 2.43
C ILE A 17 2.05 -1.85 1.15
N VAL A 18 0.75 -1.73 1.06
CA VAL A 18 0.03 -2.18 -0.17
C VAL A 18 0.33 -1.24 -1.34
N ASP A 19 0.44 0.04 -1.08
CA ASP A 19 0.74 1.01 -2.18
C ASP A 19 2.25 1.12 -2.45
N VAL A 20 3.07 0.37 -1.75
CA VAL A 20 4.54 0.44 -2.00
C VAL A 20 5.03 -0.83 -2.71
N GLN A 21 4.25 -1.88 -2.68
CA GLN A 21 4.65 -3.15 -3.35
C GLN A 21 4.05 -3.24 -4.76
N TYR A 22 2.83 -2.78 -4.93
CA TYR A 22 2.19 -2.83 -6.28
C TYR A 22 2.97 -1.95 -7.27
N MET A 23 3.56 -0.88 -6.79
CA MET A 23 4.34 0.03 -7.71
C MET A 23 5.67 -0.63 -8.09
N TYR A 24 6.20 -1.50 -7.26
CA TYR A 24 7.50 -2.18 -7.58
C TYR A 24 7.24 -3.58 -8.14
N GLY A 25 6.08 -3.83 -8.70
CA GLY A 25 5.79 -5.18 -9.27
C GLY A 25 5.23 -5.03 -10.68
N LEU A 26 3.92 -4.88 -10.81
CA LEU A 26 3.28 -4.73 -12.16
C LEU A 26 3.59 -5.94 -13.06
N SER A 27 3.91 -7.08 -12.46
CA SER A 27 4.21 -8.31 -13.26
C SER A 27 4.43 -9.51 -12.33
N PRO A 28 5.46 -9.43 -11.49
CA PRO A 28 5.73 -10.54 -10.54
C PRO A 28 4.65 -10.58 -9.45
N ALA A 29 4.11 -9.45 -9.09
CA ALA A 29 3.05 -9.41 -8.05
C ALA A 29 1.72 -9.99 -8.59
N ILE A 30 1.60 -10.18 -9.89
CA ILE A 30 0.33 -10.73 -10.45
C ILE A 30 0.55 -12.13 -11.06
N THR A 31 1.73 -12.41 -11.53
CA THR A 31 1.99 -13.77 -12.14
C THR A 31 2.62 -14.72 -11.12
N LYS A 32 3.22 -14.20 -10.06
CA LYS A 32 3.83 -15.08 -9.03
C LYS A 32 3.09 -14.96 -7.69
N TYR A 33 1.89 -14.45 -7.71
CA TYR A 33 1.10 -14.30 -6.45
C TYR A 33 -0.30 -14.89 -6.59
N VAL A 34 -0.50 -15.77 -7.54
CA VAL A 34 -1.86 -16.37 -7.74
C VAL A 34 -1.77 -17.91 -7.63
N VAL A 35 -0.91 -18.40 -6.76
CA VAL A 35 -0.78 -19.89 -6.59
C VAL A 35 -0.80 -20.23 -5.10
N ARG A 36 -1.93 -20.03 -4.46
CA ARG A 36 -2.04 -20.34 -3.00
C ARG A 36 -3.20 -21.31 -2.75
N SER A 1 -4.57 -0.56 29.06
CA SER A 1 -5.14 -0.66 27.68
C SER A 1 -6.20 0.43 27.47
N ASP A 2 -5.96 1.34 26.55
CA ASP A 2 -6.96 2.43 26.31
C ASP A 2 -7.21 2.60 24.80
N LEU A 3 -7.14 1.54 24.04
CA LEU A 3 -7.36 1.62 22.56
C LEU A 3 -6.52 2.75 21.93
N PRO A 4 -5.22 2.60 22.04
CA PRO A 4 -4.29 3.61 21.48
C PRO A 4 -4.11 3.40 19.97
N ALA A 5 -5.18 3.46 19.22
CA ALA A 5 -5.10 3.26 17.74
C ALA A 5 -6.36 3.79 17.06
N LEU A 6 -7.52 3.46 17.58
CA LEU A 6 -8.81 3.93 16.96
C LEU A 6 -8.89 3.51 15.49
N SER A 7 -8.38 2.34 15.16
CA SER A 7 -8.40 1.85 13.74
C SER A 7 -7.74 2.87 12.81
N THR A 8 -6.78 3.63 13.30
CA THR A 8 -6.08 4.65 12.44
C THR A 8 -4.59 4.32 12.33
N GLY A 9 -4.14 3.24 12.93
CA GLY A 9 -2.70 2.88 12.85
C GLY A 9 -2.52 1.70 11.89
N LEU A 10 -3.11 0.57 12.22
CA LEU A 10 -2.99 -0.63 11.32
C LEU A 10 -3.56 -0.32 9.93
N LEU A 11 -4.68 0.36 9.86
CA LEU A 11 -5.28 0.69 8.53
C LEU A 11 -4.32 1.56 7.72
N HIS A 12 -3.81 2.62 8.31
CA HIS A 12 -2.85 3.50 7.58
C HIS A 12 -1.58 2.74 7.24
N LEU A 13 -1.07 1.95 8.16
CA LEU A 13 0.18 1.17 7.88
C LEU A 13 -0.06 0.22 6.70
N HIS A 14 -1.20 -0.44 6.67
CA HIS A 14 -1.51 -1.37 5.54
C HIS A 14 -1.49 -0.61 4.21
N GLN A 15 -2.26 0.43 4.11
CA GLN A 15 -2.30 1.23 2.83
C GLN A 15 -0.88 1.65 2.43
N ASN A 16 -0.05 1.99 3.39
CA ASN A 16 1.35 2.40 3.07
C ASN A 16 2.14 1.22 2.47
N ILE A 17 2.04 0.06 3.06
CA ILE A 17 2.78 -1.13 2.53
C ILE A 17 2.13 -1.64 1.23
N VAL A 18 0.83 -1.50 1.12
CA VAL A 18 0.13 -1.98 -0.12
C VAL A 18 0.56 -1.13 -1.32
N ASP A 19 0.56 0.16 -1.20
CA ASP A 19 0.96 1.03 -2.35
C ASP A 19 2.49 1.09 -2.46
N VAL A 20 3.16 -0.04 -2.41
CA VAL A 20 4.65 -0.07 -2.54
C VAL A 20 5.05 -1.20 -3.48
N GLN A 21 4.51 -2.36 -3.29
CA GLN A 21 4.85 -3.51 -4.18
C GLN A 21 3.98 -3.50 -5.44
N TYR A 22 2.83 -2.86 -5.38
CA TYR A 22 1.93 -2.82 -6.58
C TYR A 22 2.19 -1.53 -7.37
N MET A 23 2.54 -0.46 -6.70
CA MET A 23 2.82 0.82 -7.42
C MET A 23 4.31 0.92 -7.74
N TYR A 24 5.16 0.46 -6.85
CA TYR A 24 6.63 0.54 -7.11
C TYR A 24 7.18 -0.83 -7.53
N GLY A 25 6.34 -1.73 -7.99
CA GLY A 25 6.84 -3.08 -8.42
C GLY A 25 5.81 -3.81 -9.27
N LEU A 26 5.03 -3.10 -10.06
CA LEU A 26 4.00 -3.79 -10.91
C LEU A 26 3.72 -3.01 -12.20
N SER A 27 4.59 -2.09 -12.58
CA SER A 27 4.37 -1.31 -13.83
C SER A 27 5.31 -1.79 -14.95
N PRO A 28 6.61 -1.64 -14.74
CA PRO A 28 7.59 -2.09 -15.75
C PRO A 28 7.79 -3.60 -15.66
N ALA A 29 6.75 -4.37 -15.93
CA ALA A 29 6.86 -5.85 -15.86
C ALA A 29 5.64 -6.50 -16.52
N ILE A 30 4.45 -6.02 -16.21
CA ILE A 30 3.22 -6.61 -16.82
C ILE A 30 2.99 -6.03 -18.22
N THR A 31 3.25 -4.76 -18.40
CA THR A 31 3.05 -4.13 -19.74
C THR A 31 4.12 -4.63 -20.72
N LYS A 32 5.35 -4.73 -20.27
CA LYS A 32 6.44 -5.23 -21.17
C LYS A 32 6.27 -6.73 -21.47
N TYR A 33 5.45 -7.40 -20.69
CA TYR A 33 5.23 -8.87 -20.93
C TYR A 33 4.44 -9.09 -22.22
N VAL A 34 3.42 -8.30 -22.46
CA VAL A 34 2.61 -8.46 -23.70
C VAL A 34 2.96 -7.36 -24.72
N VAL A 35 4.10 -6.70 -24.55
CA VAL A 35 4.53 -5.61 -25.49
C VAL A 35 3.42 -4.56 -25.67
N ARG A 36 2.51 -4.44 -24.71
CA ARG A 36 1.41 -3.44 -24.82
C ARG A 36 0.79 -3.18 -23.43
N SER A 1 -5.40 7.58 25.31
CA SER A 1 -5.52 6.12 24.98
C SER A 1 -6.47 5.93 23.79
N ASP A 2 -5.93 5.77 22.61
CA ASP A 2 -6.79 5.59 21.40
C ASP A 2 -6.54 4.20 20.78
N LEU A 3 -7.24 3.21 21.25
CA LEU A 3 -7.07 1.82 20.71
C LEU A 3 -8.42 1.06 20.73
N PRO A 4 -9.40 1.63 20.08
CA PRO A 4 -10.74 1.00 20.02
C PRO A 4 -10.79 -0.10 18.94
N ALA A 5 -10.22 0.16 17.79
CA ALA A 5 -10.23 -0.86 16.69
C ALA A 5 -9.03 -0.63 15.74
N LEU A 6 -8.78 0.59 15.37
CA LEU A 6 -7.64 0.87 14.43
C LEU A 6 -7.10 2.30 14.62
N SER A 7 -7.97 3.28 14.81
CA SER A 7 -7.53 4.71 15.00
C SER A 7 -6.47 5.11 13.94
N THR A 8 -6.68 4.72 12.71
CA THR A 8 -5.71 5.07 11.62
C THR A 8 -4.30 4.57 11.95
N GLY A 9 -4.20 3.43 12.60
CA GLY A 9 -2.86 2.87 12.94
C GLY A 9 -2.52 1.75 11.96
N LEU A 10 -2.95 0.56 12.25
CA LEU A 10 -2.68 -0.60 11.33
C LEU A 10 -3.34 -0.34 9.97
N LEU A 11 -4.51 0.26 9.97
CA LEU A 11 -5.22 0.55 8.68
C LEU A 11 -4.34 1.47 7.80
N HIS A 12 -3.82 2.53 8.37
CA HIS A 12 -2.95 3.45 7.58
C HIS A 12 -1.65 2.73 7.19
N LEU A 13 -1.06 2.01 8.13
CA LEU A 13 0.21 1.27 7.82
C LEU A 13 -0.05 0.26 6.70
N HIS A 14 -1.18 -0.41 6.72
CA HIS A 14 -1.50 -1.40 5.65
C HIS A 14 -1.49 -0.71 4.27
N GLN A 15 -2.26 0.35 4.12
CA GLN A 15 -2.30 1.07 2.81
C GLN A 15 -0.88 1.56 2.42
N ASN A 16 -0.10 1.98 3.38
CA ASN A 16 1.29 2.45 3.08
C ASN A 16 2.09 1.31 2.42
N ILE A 17 1.86 0.09 2.85
CA ILE A 17 2.59 -1.07 2.26
C ILE A 17 1.91 -1.51 0.95
N VAL A 18 0.60 -1.45 0.90
CA VAL A 18 -0.13 -1.85 -0.34
C VAL A 18 0.28 -0.97 -1.54
N ASP A 19 0.77 0.22 -1.28
CA ASP A 19 1.19 1.12 -2.39
C ASP A 19 2.65 0.83 -2.81
N VAL A 20 3.43 0.24 -1.94
CA VAL A 20 4.85 -0.08 -2.30
C VAL A 20 4.97 -1.56 -2.64
N GLN A 21 4.35 -2.41 -1.86
CA GLN A 21 4.43 -3.88 -2.11
C GLN A 21 3.86 -4.22 -3.51
N TYR A 22 2.77 -3.58 -3.90
CA TYR A 22 2.17 -3.88 -5.24
C TYR A 22 3.18 -3.61 -6.37
N MET A 23 4.03 -2.61 -6.23
CA MET A 23 5.03 -2.33 -7.31
C MET A 23 6.45 -2.71 -6.85
N TYR A 24 6.58 -3.66 -5.97
CA TYR A 24 7.95 -4.07 -5.51
C TYR A 24 8.62 -4.99 -6.56
N GLY A 25 7.92 -5.32 -7.61
CA GLY A 25 8.51 -6.21 -8.67
C GLY A 25 7.86 -7.59 -8.61
N LEU A 26 7.67 -8.12 -7.43
CA LEU A 26 7.04 -9.47 -7.28
C LEU A 26 6.52 -9.67 -5.84
N SER A 27 6.10 -8.61 -5.20
CA SER A 27 5.59 -8.72 -3.81
C SER A 27 4.11 -9.17 -3.76
N PRO A 28 3.29 -8.67 -4.66
CA PRO A 28 1.85 -9.06 -4.66
C PRO A 28 1.67 -10.46 -5.25
N ALA A 29 2.21 -11.45 -4.57
CA ALA A 29 2.09 -12.86 -5.06
C ALA A 29 2.52 -13.83 -3.95
N ILE A 30 3.68 -13.58 -3.37
CA ILE A 30 4.16 -14.48 -2.27
C ILE A 30 3.70 -13.95 -0.90
N THR A 31 3.55 -12.64 -0.78
CA THR A 31 3.10 -12.06 0.52
C THR A 31 1.70 -12.59 0.89
N LYS A 32 0.83 -12.76 -0.08
CA LYS A 32 -0.54 -13.30 0.23
C LYS A 32 -0.45 -14.77 0.63
N TYR A 33 0.54 -15.48 0.15
CA TYR A 33 0.68 -16.92 0.52
C TYR A 33 1.28 -17.08 1.92
N VAL A 34 1.90 -16.05 2.45
CA VAL A 34 2.50 -16.14 3.82
C VAL A 34 1.79 -15.17 4.77
N VAL A 35 1.86 -15.43 6.06
CA VAL A 35 1.20 -14.53 7.08
C VAL A 35 -0.32 -14.47 6.82
N ARG A 36 -1.02 -15.52 7.15
CA ARG A 36 -2.51 -15.54 6.93
C ARG A 36 -3.21 -14.51 7.84
N SER A 1 -20.39 4.05 17.87
CA SER A 1 -20.00 5.40 18.37
C SER A 1 -18.95 5.27 19.49
N ASP A 2 -17.70 5.47 19.17
CA ASP A 2 -16.63 5.36 20.20
C ASP A 2 -15.45 6.29 19.86
N LEU A 3 -15.02 7.08 20.83
CA LEU A 3 -13.89 8.02 20.58
C LEU A 3 -12.53 7.29 20.57
N PRO A 4 -12.27 6.53 21.62
CA PRO A 4 -10.98 5.79 21.72
C PRO A 4 -11.02 4.53 20.83
N ALA A 5 -11.12 4.71 19.54
CA ALA A 5 -11.16 3.54 18.60
C ALA A 5 -9.75 3.08 18.27
N LEU A 6 -8.81 3.99 18.15
CA LEU A 6 -7.40 3.62 17.82
C LEU A 6 -7.35 2.83 16.49
N SER A 7 -8.22 3.16 15.56
CA SER A 7 -8.23 2.44 14.26
C SER A 7 -7.52 3.29 13.19
N THR A 8 -6.46 3.97 13.55
CA THR A 8 -5.72 4.81 12.56
C THR A 8 -4.25 4.35 12.45
N GLY A 9 -3.93 3.20 12.98
CA GLY A 9 -2.52 2.70 12.91
C GLY A 9 -2.41 1.67 11.79
N LEU A 10 -2.82 0.45 12.03
CA LEU A 10 -2.74 -0.60 10.97
C LEU A 10 -3.57 -0.19 9.75
N LEU A 11 -4.69 0.49 9.96
CA LEU A 11 -5.54 0.93 8.81
C LEU A 11 -4.71 1.78 7.83
N HIS A 12 -3.93 2.70 8.35
CA HIS A 12 -3.10 3.55 7.45
C HIS A 12 -1.81 2.81 7.07
N LEU A 13 -1.19 2.14 8.01
CA LEU A 13 0.06 1.38 7.71
C LEU A 13 -0.17 0.36 6.60
N HIS A 14 -1.33 -0.27 6.59
CA HIS A 14 -1.64 -1.27 5.52
C HIS A 14 -1.50 -0.62 4.14
N GLN A 15 -2.07 0.54 3.96
CA GLN A 15 -1.97 1.24 2.63
C GLN A 15 -0.50 1.51 2.28
N ASN A 16 0.32 1.78 3.26
CA ASN A 16 1.77 2.05 2.99
C ASN A 16 2.47 0.75 2.56
N ILE A 17 2.08 -0.38 3.12
CA ILE A 17 2.73 -1.67 2.74
C ILE A 17 2.12 -2.24 1.44
N VAL A 18 0.97 -1.75 1.05
CA VAL A 18 0.33 -2.25 -0.21
C VAL A 18 0.61 -1.29 -1.36
N ASP A 19 0.36 -0.02 -1.17
CA ASP A 19 0.63 0.98 -2.25
C ASP A 19 2.13 1.00 -2.60
N VAL A 20 2.98 0.55 -1.71
CA VAL A 20 4.46 0.54 -2.01
C VAL A 20 4.75 -0.18 -3.34
N GLN A 21 3.94 -1.15 -3.68
CA GLN A 21 4.17 -1.89 -4.97
C GLN A 21 3.58 -1.12 -6.15
N TYR A 22 2.64 -0.24 -5.91
CA TYR A 22 2.02 0.53 -7.03
C TYR A 22 2.63 1.94 -7.09
N MET A 23 2.67 2.63 -5.97
CA MET A 23 3.26 4.00 -5.96
C MET A 23 4.74 3.95 -6.38
N TYR A 24 5.45 2.92 -5.97
CA TYR A 24 6.89 2.81 -6.37
C TYR A 24 7.03 2.04 -7.69
N GLY A 25 5.95 1.88 -8.43
CA GLY A 25 6.02 1.14 -9.73
C GLY A 25 6.31 2.12 -10.88
N LEU A 26 6.36 3.41 -10.60
CA LEU A 26 6.65 4.43 -11.68
C LEU A 26 5.66 4.28 -12.85
N SER A 27 4.38 4.20 -12.56
CA SER A 27 3.36 4.07 -13.66
C SER A 27 1.95 4.40 -13.13
N PRO A 28 1.44 3.57 -12.22
CA PRO A 28 0.09 3.81 -11.66
C PRO A 28 0.09 5.00 -10.69
N ALA A 29 1.24 5.36 -10.18
CA ALA A 29 1.32 6.52 -9.23
C ALA A 29 1.15 7.84 -9.99
N ILE A 30 1.82 7.98 -11.11
CA ILE A 30 1.70 9.25 -11.90
C ILE A 30 0.29 9.39 -12.50
N THR A 31 -0.30 8.29 -12.91
CA THR A 31 -1.68 8.35 -13.49
C THR A 31 -2.71 8.65 -12.40
N LYS A 32 -2.47 8.19 -11.20
CA LYS A 32 -3.44 8.45 -10.09
C LYS A 32 -3.08 9.75 -9.34
N TYR A 33 -2.30 10.62 -9.96
CA TYR A 33 -1.93 11.90 -9.29
C TYR A 33 -2.59 13.07 -10.03
N VAL A 34 -2.43 13.13 -11.33
CA VAL A 34 -3.06 14.25 -12.11
C VAL A 34 -4.53 13.93 -12.39
N VAL A 35 -5.38 14.16 -11.41
CA VAL A 35 -6.84 13.88 -11.59
C VAL A 35 -7.66 15.15 -11.33
N ARG A 36 -7.06 16.31 -11.43
CA ARG A 36 -7.82 17.58 -11.19
C ARG A 36 -8.17 18.26 -12.53
N SER A 1 -4.55 17.46 22.09
CA SER A 1 -5.65 16.84 21.30
C SER A 1 -5.53 15.31 21.32
N ASP A 2 -6.43 14.64 22.00
CA ASP A 2 -6.37 13.15 22.06
C ASP A 2 -7.51 12.52 21.24
N LEU A 3 -8.05 13.27 20.30
CA LEU A 3 -9.16 12.73 19.45
C LEU A 3 -9.24 13.52 18.13
N PRO A 4 -8.15 13.52 17.40
CA PRO A 4 -8.08 14.25 16.12
C PRO A 4 -8.85 13.50 15.01
N ALA A 5 -8.93 12.20 15.11
CA ALA A 5 -9.68 11.41 14.08
C ALA A 5 -10.16 10.08 14.69
N LEU A 6 -9.27 9.13 14.88
CA LEU A 6 -9.67 7.82 15.48
C LEU A 6 -8.43 7.01 15.86
N SER A 7 -7.60 6.68 14.89
CA SER A 7 -6.37 5.90 15.18
C SER A 7 -5.40 5.97 13.99
N THR A 8 -5.80 5.40 12.87
CA THR A 8 -4.94 5.42 11.64
C THR A 8 -3.58 4.75 11.92
N GLY A 9 -3.59 3.61 12.58
CA GLY A 9 -2.32 2.91 12.89
C GLY A 9 -2.17 1.69 11.96
N LEU A 10 -2.92 0.65 12.22
CA LEU A 10 -2.84 -0.57 11.36
C LEU A 10 -3.45 -0.28 9.97
N LEU A 11 -4.59 0.39 9.95
CA LEU A 11 -5.24 0.73 8.65
C LEU A 11 -4.29 1.56 7.76
N HIS A 12 -3.65 2.56 8.33
CA HIS A 12 -2.71 3.40 7.54
C HIS A 12 -1.51 2.56 7.06
N LEU A 13 -1.01 1.69 7.92
CA LEU A 13 0.15 0.83 7.51
C LEU A 13 -0.24 -0.05 6.32
N HIS A 14 -1.44 -0.58 6.31
CA HIS A 14 -1.88 -1.43 5.16
C HIS A 14 -1.84 -0.62 3.86
N GLN A 15 -2.57 0.46 3.80
CA GLN A 15 -2.57 1.30 2.57
C GLN A 15 -1.15 1.82 2.26
N ASN A 16 -0.31 1.94 3.25
CA ASN A 16 1.07 2.44 3.02
C ASN A 16 1.97 1.31 2.48
N ILE A 17 1.91 0.14 3.10
CA ILE A 17 2.76 -0.99 2.63
C ILE A 17 2.17 -1.61 1.35
N VAL A 18 0.87 -1.63 1.22
CA VAL A 18 0.25 -2.21 -0.01
C VAL A 18 0.51 -1.31 -1.23
N ASP A 19 0.65 -0.03 -1.02
CA ASP A 19 0.92 0.91 -2.16
C ASP A 19 2.43 1.04 -2.43
N VAL A 20 3.25 0.31 -1.73
CA VAL A 20 4.73 0.40 -1.96
C VAL A 20 5.27 -0.92 -2.54
N GLN A 21 4.50 -1.98 -2.47
CA GLN A 21 4.96 -3.29 -3.02
C GLN A 21 4.29 -3.59 -4.37
N TYR A 22 3.05 -3.18 -4.54
CA TYR A 22 2.34 -3.44 -5.83
C TYR A 22 3.13 -2.85 -7.01
N MET A 23 3.80 -1.73 -6.81
CA MET A 23 4.59 -1.11 -7.92
C MET A 23 5.87 -1.91 -8.18
N TYR A 24 6.48 -2.44 -7.14
CA TYR A 24 7.74 -3.23 -7.33
C TYR A 24 7.44 -4.62 -7.92
N GLY A 25 6.18 -5.00 -7.98
CA GLY A 25 5.83 -6.34 -8.56
C GLY A 25 5.54 -6.20 -10.07
N LEU A 26 5.82 -5.07 -10.65
CA LEU A 26 5.56 -4.89 -12.12
C LEU A 26 6.62 -3.97 -12.76
N SER A 27 7.80 -3.90 -12.19
CA SER A 27 8.86 -3.01 -12.76
C SER A 27 9.62 -3.76 -13.88
N PRO A 28 10.17 -4.91 -13.56
CA PRO A 28 10.90 -5.71 -14.58
C PRO A 28 9.91 -6.44 -15.50
N ALA A 29 8.66 -6.48 -15.13
CA ALA A 29 7.64 -7.17 -15.99
C ALA A 29 7.18 -6.26 -17.13
N ILE A 30 6.91 -5.01 -16.84
CA ILE A 30 6.45 -4.06 -17.90
C ILE A 30 7.56 -3.85 -18.95
N THR A 31 8.81 -3.94 -18.55
CA THR A 31 9.92 -3.76 -19.53
C THR A 31 10.02 -4.99 -20.45
N LYS A 32 9.57 -6.13 -20.01
CA LYS A 32 9.63 -7.35 -20.86
C LYS A 32 8.27 -7.62 -21.53
N TYR A 33 7.40 -6.64 -21.55
CA TYR A 33 6.05 -6.84 -22.18
C TYR A 33 5.94 -6.03 -23.49
N VAL A 34 6.50 -4.84 -23.52
CA VAL A 34 6.42 -4.01 -24.76
C VAL A 34 7.44 -4.48 -25.79
N VAL A 35 8.67 -4.71 -25.35
CA VAL A 35 9.75 -5.19 -26.29
C VAL A 35 10.03 -4.15 -27.40
N ARG A 36 9.57 -2.92 -27.24
CA ARG A 36 9.80 -1.86 -28.27
C ARG A 36 9.21 -2.29 -29.63
N SER A 1 -14.48 1.26 29.37
CA SER A 1 -14.57 2.38 28.38
C SER A 1 -13.28 2.45 27.54
N ASP A 2 -13.40 2.46 26.24
CA ASP A 2 -12.20 2.54 25.37
C ASP A 2 -12.52 3.32 24.09
N LEU A 3 -11.52 3.90 23.46
CA LEU A 3 -11.75 4.68 22.22
C LEU A 3 -10.44 4.87 21.43
N PRO A 4 -9.47 5.52 22.04
CA PRO A 4 -8.17 5.75 21.36
C PRO A 4 -7.30 4.49 21.42
N ALA A 5 -7.75 3.42 20.81
CA ALA A 5 -6.96 2.14 20.83
C ALA A 5 -6.08 2.05 19.57
N LEU A 6 -6.61 2.41 18.43
CA LEU A 6 -5.80 2.35 17.17
C LEU A 6 -5.70 3.74 16.53
N SER A 7 -6.81 4.40 16.31
CA SER A 7 -6.80 5.76 15.68
C SER A 7 -6.08 5.73 14.32
N THR A 8 -6.62 4.97 13.39
CA THR A 8 -5.99 4.88 12.02
C THR A 8 -4.52 4.47 12.11
N GLY A 9 -4.23 3.37 12.76
CA GLY A 9 -2.82 2.90 12.89
C GLY A 9 -2.57 1.76 11.91
N LEU A 10 -3.12 0.60 12.18
CA LEU A 10 -2.92 -0.56 11.25
C LEU A 10 -3.50 -0.26 9.87
N LEU A 11 -4.65 0.39 9.83
CA LEU A 11 -5.27 0.72 8.50
C LEU A 11 -4.31 1.57 7.66
N HIS A 12 -3.78 2.64 8.22
CA HIS A 12 -2.83 3.50 7.46
C HIS A 12 -1.55 2.71 7.15
N LEU A 13 -1.04 1.97 8.11
CA LEU A 13 0.20 1.16 7.86
C LEU A 13 -0.05 0.15 6.73
N HIS A 14 -1.22 -0.45 6.71
CA HIS A 14 -1.55 -1.44 5.65
C HIS A 14 -1.45 -0.78 4.27
N GLN A 15 -2.15 0.32 4.06
CA GLN A 15 -2.08 1.01 2.75
C GLN A 15 -0.64 1.38 2.41
N ASN A 16 0.08 1.96 3.34
CA ASN A 16 1.51 2.34 3.08
C ASN A 16 2.27 1.16 2.44
N ILE A 17 2.11 -0.02 2.98
CA ILE A 17 2.82 -1.21 2.40
C ILE A 17 2.16 -1.63 1.08
N VAL A 18 0.86 -1.63 1.04
CA VAL A 18 0.14 -2.02 -0.23
C VAL A 18 0.43 -1.00 -1.34
N ASP A 19 0.56 0.25 -1.00
CA ASP A 19 0.86 1.30 -2.03
C ASP A 19 2.27 1.10 -2.61
N VAL A 20 3.09 0.34 -1.95
CA VAL A 20 4.48 0.11 -2.47
C VAL A 20 4.55 -1.30 -3.07
N GLN A 21 3.90 -2.25 -2.46
CA GLN A 21 3.91 -3.65 -2.99
C GLN A 21 3.16 -3.74 -4.33
N TYR A 22 2.08 -3.01 -4.49
CA TYR A 22 1.32 -3.08 -5.78
C TYR A 22 2.21 -2.62 -6.95
N MET A 23 3.15 -1.73 -6.70
CA MET A 23 4.05 -1.25 -7.79
C MET A 23 5.43 -1.92 -7.69
N TYR A 24 5.55 -3.02 -6.97
CA TYR A 24 6.87 -3.70 -6.83
C TYR A 24 6.93 -4.98 -7.68
N GLY A 25 6.01 -5.15 -8.61
CA GLY A 25 6.02 -6.36 -9.49
C GLY A 25 5.81 -7.63 -8.65
N LEU A 26 5.05 -7.53 -7.58
CA LEU A 26 4.80 -8.74 -6.72
C LEU A 26 3.51 -9.44 -7.16
N SER A 27 2.48 -8.68 -7.42
CA SER A 27 1.18 -9.27 -7.86
C SER A 27 1.37 -10.14 -9.11
N PRO A 28 2.01 -9.60 -10.13
CA PRO A 28 2.23 -10.38 -11.39
C PRO A 28 3.28 -11.49 -11.18
N ALA A 29 3.93 -11.52 -10.05
CA ALA A 29 4.96 -12.58 -9.80
C ALA A 29 4.36 -13.72 -8.98
N ILE A 30 3.53 -13.41 -8.01
CA ILE A 30 2.92 -14.48 -7.16
C ILE A 30 1.78 -15.18 -7.92
N THR A 31 1.05 -14.47 -8.73
CA THR A 31 -0.07 -15.10 -9.51
C THR A 31 0.48 -16.19 -10.44
N LYS A 32 1.64 -15.97 -11.01
CA LYS A 32 2.25 -17.00 -11.92
C LYS A 32 3.14 -17.97 -11.12
N TYR A 33 3.03 -17.96 -9.82
CA TYR A 33 3.86 -18.88 -8.98
C TYR A 33 2.98 -20.00 -8.38
N VAL A 34 1.86 -19.64 -7.81
CA VAL A 34 0.96 -20.66 -7.22
C VAL A 34 0.10 -21.30 -8.32
N VAL A 35 0.71 -22.13 -9.14
CA VAL A 35 -0.04 -22.78 -10.26
C VAL A 35 0.14 -24.31 -10.19
N ARG A 36 -0.33 -24.92 -9.13
CA ARG A 36 -0.19 -26.41 -8.99
C ARG A 36 -1.57 -27.05 -8.83
N SER A 1 2.42 15.21 19.91
CA SER A 1 1.57 14.16 19.28
C SER A 1 1.21 14.55 17.85
N ASP A 2 0.80 13.60 17.05
CA ASP A 2 0.44 13.89 15.63
C ASP A 2 -0.57 12.84 15.11
N LEU A 3 -1.22 13.14 14.02
CA LEU A 3 -2.23 12.18 13.44
C LEU A 3 -3.24 11.72 14.50
N PRO A 4 -3.91 12.67 15.10
CA PRO A 4 -4.92 12.36 16.15
C PRO A 4 -6.26 11.95 15.51
N ALA A 5 -6.25 10.90 14.72
CA ALA A 5 -7.52 10.43 14.07
C ALA A 5 -8.26 9.43 14.97
N LEU A 6 -7.54 8.74 15.83
CA LEU A 6 -8.18 7.73 16.74
C LEU A 6 -8.98 6.70 15.95
N SER A 7 -8.59 6.42 14.73
CA SER A 7 -9.32 5.41 13.89
C SER A 7 -8.50 5.04 12.65
N THR A 8 -7.21 4.83 12.82
CA THR A 8 -6.36 4.46 11.66
C THR A 8 -5.31 3.41 12.09
N GLY A 9 -4.13 3.83 12.48
CA GLY A 9 -3.08 2.87 12.92
C GLY A 9 -2.80 1.84 11.82
N LEU A 10 -3.28 0.63 12.00
CA LEU A 10 -3.07 -0.45 10.98
C LEU A 10 -3.66 -0.02 9.62
N LEU A 11 -4.72 0.76 9.64
CA LEU A 11 -5.35 1.23 8.35
C LEU A 11 -4.30 1.97 7.50
N HIS A 12 -3.49 2.79 8.11
CA HIS A 12 -2.44 3.53 7.34
C HIS A 12 -1.24 2.62 7.09
N LEU A 13 -0.87 1.83 8.07
CA LEU A 13 0.30 0.90 7.90
C LEU A 13 0.04 -0.09 6.77
N HIS A 14 -1.16 -0.62 6.67
CA HIS A 14 -1.48 -1.59 5.58
C HIS A 14 -1.32 -0.93 4.21
N GLN A 15 -1.93 0.22 4.01
CA GLN A 15 -1.79 0.92 2.70
C GLN A 15 -0.33 1.30 2.44
N ASN A 16 0.43 1.55 3.49
CA ASN A 16 1.86 1.90 3.30
C ASN A 16 2.64 0.69 2.75
N ILE A 17 2.16 -0.50 2.98
CA ILE A 17 2.86 -1.72 2.45
C ILE A 17 2.16 -2.25 1.19
N VAL A 18 0.87 -2.01 1.07
CA VAL A 18 0.11 -2.50 -0.14
C VAL A 18 0.01 -1.40 -1.21
N ASP A 19 0.31 -0.17 -0.87
CA ASP A 19 0.23 0.93 -1.87
C ASP A 19 1.59 1.60 -2.06
N VAL A 20 2.65 0.82 -2.05
CA VAL A 20 4.02 1.41 -2.22
C VAL A 20 4.87 0.50 -3.11
N GLN A 21 4.99 -0.75 -2.72
CA GLN A 21 5.79 -1.72 -3.54
C GLN A 21 5.12 -1.93 -4.92
N TYR A 22 3.88 -1.53 -5.06
CA TYR A 22 3.15 -1.72 -6.35
C TYR A 22 3.11 -0.40 -7.14
N MET A 23 3.25 0.72 -6.46
CA MET A 23 3.22 2.04 -7.17
C MET A 23 4.65 2.52 -7.47
N TYR A 24 5.65 1.99 -6.78
CA TYR A 24 7.05 2.43 -7.02
C TYR A 24 7.90 1.27 -7.56
N GLY A 25 7.31 0.37 -8.31
CA GLY A 25 8.09 -0.77 -8.86
C GLY A 25 7.19 -2.00 -9.02
N LEU A 26 6.36 -2.01 -10.04
CA LEU A 26 5.45 -3.17 -10.25
C LEU A 26 5.96 -4.09 -11.37
N SER A 27 7.06 -3.74 -12.00
CA SER A 27 7.61 -4.60 -13.10
C SER A 27 8.04 -5.97 -12.55
N PRO A 28 8.86 -5.96 -11.51
CA PRO A 28 9.32 -7.23 -10.90
C PRO A 28 8.18 -7.93 -10.16
N ALA A 29 7.12 -7.22 -9.84
CA ALA A 29 5.97 -7.83 -9.12
C ALA A 29 5.11 -8.65 -10.10
N ILE A 30 5.10 -8.28 -11.35
CA ILE A 30 4.29 -9.05 -12.35
C ILE A 30 5.12 -10.18 -12.97
N THR A 31 6.41 -10.02 -13.06
CA THR A 31 7.27 -11.10 -13.64
C THR A 31 7.21 -12.35 -12.77
N LYS A 32 7.44 -12.20 -11.47
CA LYS A 32 7.39 -13.38 -10.55
C LYS A 32 5.94 -13.92 -10.44
N TYR A 33 4.97 -13.13 -10.84
CA TYR A 33 3.55 -13.59 -10.77
C TYR A 33 3.22 -14.45 -11.99
N VAL A 34 3.78 -14.13 -13.14
CA VAL A 34 3.50 -14.93 -14.37
C VAL A 34 4.41 -16.17 -14.42
N VAL A 35 5.66 -16.03 -14.06
CA VAL A 35 6.58 -17.21 -14.10
C VAL A 35 6.61 -17.93 -12.72
N ARG A 36 6.04 -17.32 -11.71
CA ARG A 36 6.04 -17.95 -10.34
C ARG A 36 7.46 -18.10 -9.78
N SER A 1 -13.55 19.65 21.21
CA SER A 1 -13.23 18.18 21.27
C SER A 1 -11.77 17.95 20.88
N ASP A 2 -11.03 17.28 21.72
CA ASP A 2 -9.59 17.02 21.39
C ASP A 2 -9.27 15.52 21.58
N LEU A 3 -8.19 15.07 21.00
CA LEU A 3 -7.79 13.62 21.12
C LEU A 3 -8.92 12.72 20.60
N PRO A 4 -8.99 12.62 19.30
CA PRO A 4 -10.02 11.79 18.64
C PRO A 4 -9.49 10.37 18.38
N ALA A 5 -10.11 9.65 17.51
CA ALA A 5 -9.66 8.25 17.20
C ALA A 5 -10.37 7.74 15.95
N LEU A 6 -9.80 8.00 14.80
CA LEU A 6 -10.44 7.54 13.52
C LEU A 6 -9.78 6.25 13.01
N SER A 7 -9.23 5.45 13.89
CA SER A 7 -8.58 4.16 13.48
C SER A 7 -7.62 4.39 12.30
N THR A 8 -6.64 5.22 12.48
CA THR A 8 -5.66 5.50 11.37
C THR A 8 -4.28 4.92 11.71
N GLY A 9 -4.23 3.83 12.46
CA GLY A 9 -2.92 3.22 12.81
C GLY A 9 -2.67 2.01 11.91
N LEU A 10 -3.17 0.86 12.29
CA LEU A 10 -2.98 -0.36 11.45
C LEU A 10 -3.55 -0.14 10.04
N LEU A 11 -4.66 0.57 9.94
CA LEU A 11 -5.27 0.84 8.61
C LEU A 11 -4.26 1.57 7.71
N HIS A 12 -3.58 2.55 8.24
CA HIS A 12 -2.56 3.30 7.43
C HIS A 12 -1.38 2.38 7.08
N LEU A 13 -0.90 1.61 8.04
CA LEU A 13 0.26 0.70 7.77
C LEU A 13 -0.06 -0.22 6.59
N HIS A 14 -1.25 -0.79 6.55
CA HIS A 14 -1.62 -1.69 5.42
C HIS A 14 -1.54 -0.92 4.09
N GLN A 15 -2.16 0.24 4.03
CA GLN A 15 -2.13 1.05 2.78
C GLN A 15 -0.69 1.50 2.48
N ASN A 16 0.07 1.80 3.50
CA ASN A 16 1.49 2.23 3.30
C ASN A 16 2.31 1.12 2.62
N ILE A 17 2.06 -0.12 2.97
CA ILE A 17 2.82 -1.25 2.36
C ILE A 17 2.19 -1.64 1.01
N VAL A 18 0.89 -1.75 0.96
CA VAL A 18 0.21 -2.13 -0.32
C VAL A 18 0.43 -1.07 -1.39
N ASP A 19 0.48 0.18 -1.01
CA ASP A 19 0.69 1.27 -2.02
C ASP A 19 2.12 1.22 -2.58
N VAL A 20 3.06 0.66 -1.85
CA VAL A 20 4.45 0.57 -2.36
C VAL A 20 4.67 -0.81 -2.99
N GLN A 21 4.11 -1.83 -2.42
CA GLN A 21 4.27 -3.21 -2.97
C GLN A 21 3.66 -3.31 -4.37
N TYR A 22 2.53 -2.67 -4.60
CA TYR A 22 1.90 -2.74 -5.96
C TYR A 22 2.78 -1.99 -6.99
N MET A 23 3.50 -0.99 -6.57
CA MET A 23 4.37 -0.24 -7.52
C MET A 23 5.79 -0.83 -7.57
N TYR A 24 6.26 -1.40 -6.48
CA TYR A 24 7.63 -1.99 -6.47
C TYR A 24 7.57 -3.53 -6.56
N GLY A 25 6.52 -4.07 -7.14
CA GLY A 25 6.43 -5.55 -7.26
C GLY A 25 5.45 -5.92 -8.39
N LEU A 26 5.60 -5.33 -9.55
CA LEU A 26 4.69 -5.66 -10.68
C LEU A 26 5.50 -6.02 -11.95
N SER A 27 6.68 -6.57 -11.77
CA SER A 27 7.52 -6.95 -12.94
C SER A 27 7.16 -8.35 -13.46
N PRO A 28 7.10 -9.33 -12.57
CA PRO A 28 6.77 -10.72 -12.97
C PRO A 28 5.26 -10.87 -13.23
N ALA A 29 4.76 -10.17 -14.22
CA ALA A 29 3.31 -10.24 -14.55
C ALA A 29 3.06 -9.59 -15.91
N ILE A 30 3.57 -8.40 -16.13
CA ILE A 30 3.38 -7.70 -17.44
C ILE A 30 4.36 -8.27 -18.48
N THR A 31 5.56 -8.57 -18.08
CA THR A 31 6.55 -9.13 -19.04
C THR A 31 6.09 -10.51 -19.54
N LYS A 32 5.64 -11.36 -18.64
CA LYS A 32 5.15 -12.71 -19.05
C LYS A 32 3.91 -12.57 -19.94
N TYR A 33 3.16 -11.52 -19.77
CA TYR A 33 1.94 -11.32 -20.61
C TYR A 33 2.35 -11.02 -22.06
N VAL A 34 3.44 -10.31 -22.24
CA VAL A 34 3.91 -9.98 -23.62
C VAL A 34 4.76 -11.14 -24.16
N VAL A 35 5.01 -11.17 -25.45
CA VAL A 35 5.83 -12.27 -26.06
C VAL A 35 5.18 -13.63 -25.78
N ARG A 36 4.02 -13.85 -26.36
CA ARG A 36 3.31 -15.16 -26.15
C ARG A 36 2.78 -15.71 -27.47
#